data_7YFD
#
_entry.id   7YFD
#
_cell.length_a   1.00
_cell.length_b   1.00
_cell.length_c   1.00
_cell.angle_alpha   90.00
_cell.angle_beta   90.00
_cell.angle_gamma   90.00
#
_symmetry.space_group_name_H-M   'P 1'
#
loop_
_entity.id
_entity.type
_entity.pdbx_description
1 polymer 'Engineered G-alpha-q'
2 polymer 'Guanine nucleotide-binding protein G(I)/G(S)/G(T) subunit beta-1'
3 polymer scFv16
4 polymer 'Histamine H4 receptor'
5 polymer 'Guanine nucleotide-binding protein G(I)/G(S)/G(O) subunit gamma-2'
6 polymer Nb35
7 non-polymer '2-(1~{H}-imidazol-5-yl)ethyl carbamimidothioate'
8 non-polymer CHOLESTEROL
#
loop_
_entity_poly.entity_id
_entity_poly.type
_entity_poly.pdbx_seq_one_letter_code
_entity_poly.pdbx_strand_id
1 'polypeptide(L)'
;MGCTLSAEDKAAVERSKMIEKQLQKDKQVYRRTLRLLLLGADNSGKSTIVKQMRIYHVNGYSEEECKQYKAVVYSNTIQS
IIAIIRAMGRLKIDFGDSARADDARQLFVLAGAAEEGFMTAELAGVIKRLWKDSGVQACFNRSREYQLNDSAAYYLNDLD
RIAQPNYIPTQQDVLRTRVKTSGIFETKFQVDKVNFHMFDVGAQRDERRKWIQCFNDVTAIIFVVDSSDYNRLQEALNDF
KSIWNNRWLRTISVILFLNKQDLLAEKVLAGKSKIEDYFPEFARYTTPEDATPEPGEDPRVTRAKYFIRKEFVDISTASG
DGRHICYPHFTCSVDTENARRIFNDCKDIILQMNLREYNLV
;
A
2 'polypeptide(L)'
;MHHHHHHHHHHLEVLFQGPGSSGSELDQLRQEAEQLKNQIRDARKACADATLSQITNNIDPVGRIQMRTRRTLRGHLAKI
YAMHWGTDSRLLVSASQDGKLIIWDSYTTNKVHAIPLRSSWVMTCAYAPSGNYVACGGLDNICSIYNLKTREGNVRVSRE
LAGHTGYLSCCRFLDDNQIVTSSGDTTCALWDIETGQQTTTFTGHTGDVMSLSLAPDTRLFVSGACDASAKLWDVREGMC
RQTFTGHESDINAICFFPNGNAFATGSDDATCRLFDLRADQELMTYSHDNIICGITSVSFSKSGRLLLAGYDDFNCNVWD
ALKADRAGVLAGHDNRVSCLGVTDDGMAVATGSWDSFLKIWNGSSGGGGSGGGGSSGVSGWRLFKKIS
;
B
3 'polypeptide(L)'
;DVQLVESGGGLVQPGGSRKLSCSASGFAFSSFGMHWVRQAPEKGLEWVAYISSGSGTIYYADTVKGRFTISRDDPKNTLF
LQMTSLRSEDTAMYYCVRSIYYYGSSPFDFWGQGTTLTVSSGGGGSGGGGSGGGGSDIVMTQATSSVPVTPGESVSISCR
SSKSLLHSNGNTYLYWFLQRPGQSPQLLIYRMSNLASGVPDRFSGSGSGTAFTLTISRLEAEDVGVYYCMQHLEYPLTFG
AGTKLELKAAAHHHHHHHH
;
C
4 'polypeptide(L)'
;MPDTNSTINLSLSTRVTLAFFMSLVAFAIMLGNALVILAFVVDKNLRHRSSYFFLNLAISDFFVGVISIPLYIPHTLFEW
DFGKEICVFWLTTDYLLCTASVYNIVLISYDRYLSVSNAVSYRTQHTGVLKIVTLMVAVWVLAFLVNGPMILVSESWKDE
GSECEPGFFSEWYILAITSFLEFVIPVILVAYFNMNIYWSLWKRDHLSRCQSHPGLTAVSSNICGHSFRGRLSSRRSLSA
STEVPASFHSERQRRKSSLMFSSRTKMNSNTIASKMGSFSQSDSVALHQREHVELLRARRLAKSLAILLGVFAVCWAPYS
LFTIVLSFYSSATGPKSVWYRIAFWLQWFNSFVNPLLYPLCHKRFQKAFLKIFCIKKQPLPSQHSRSVSSVFTLEDFVGD
WEQTAAYNLDQVLEQGGVSSLLQNLAVSVTPIQRIVRSGENALKIDIHVIIPYEGLSADQMAQIEEVFKVVYPVDDHHFK
VILPYGTLVIDGVTPNMLNYFGRPYEGIAVFDGKKITVTGTLWNGNKIIDERLITPDGSMLFRVTINS
;
R
5 'polypeptide(L)' MASNNTASIAQARKLVEQLKMEANIDRIKVSKAAADLMAYCEAHAKEDPLLTPVPASENPFREKKFFCAIL G
6 'polypeptide(L)'
;MQVQLQESGGGLVQPGGSLRLSCAASGFTFSNYKMNWVRQAPGKGLEWVSDISQSGASISYTGSVKGRFTISRDNAKNTL
YLQMNSLKPEDTAVYYCARCPAPFTRDCFDVTSTTYAYRGQGTQVTVSS
;
N
#
# COMPACT_ATOMS: atom_id res chain seq x y z
N GLY A 2 -18.54 -6.44 22.29
CA GLY A 2 -19.55 -5.95 23.21
C GLY A 2 -19.07 -5.91 24.63
N CYS A 3 -19.08 -7.07 25.29
CA CYS A 3 -18.59 -7.17 26.66
C CYS A 3 -17.06 -7.03 26.68
N THR A 4 -16.53 -6.80 27.88
CA THR A 4 -15.11 -6.56 28.11
C THR A 4 -14.60 -5.33 27.38
N LEU A 5 -15.51 -4.44 26.98
CA LEU A 5 -15.16 -3.17 26.36
C LEU A 5 -15.70 -2.04 27.25
N SER A 6 -14.84 -1.10 27.58
CA SER A 6 -15.24 -0.01 28.46
C SER A 6 -16.14 0.98 27.71
N ALA A 7 -16.56 2.02 28.42
CA ALA A 7 -17.41 3.03 27.80
C ALA A 7 -16.65 3.84 26.76
N GLU A 8 -15.37 4.13 27.03
CA GLU A 8 -14.55 4.84 26.06
C GLU A 8 -13.97 3.89 25.02
N ASP A 9 -13.75 2.63 25.38
CA ASP A 9 -13.22 1.64 24.45
C ASP A 9 -14.21 1.30 23.34
N LYS A 10 -15.49 1.62 23.52
CA LYS A 10 -16.49 1.42 22.48
C LYS A 10 -16.64 2.65 21.59
N ALA A 11 -16.50 3.84 22.17
CA ALA A 11 -16.48 5.06 21.35
C ALA A 11 -15.24 5.11 20.47
N ALA A 12 -14.13 4.51 20.93
CA ALA A 12 -12.96 4.38 20.07
C ALA A 12 -13.28 3.52 18.85
N VAL A 13 -13.97 2.40 19.05
CA VAL A 13 -14.36 1.53 17.95
C VAL A 13 -15.31 2.27 17.01
N GLU A 14 -16.24 3.04 17.57
CA GLU A 14 -17.17 3.80 16.75
C GLU A 14 -16.44 4.83 15.90
N ARG A 15 -15.44 5.52 16.47
CA ARG A 15 -14.65 6.47 15.70
C ARG A 15 -13.86 5.77 14.60
N SER A 16 -13.32 4.58 14.89
CA SER A 16 -12.61 3.83 13.86
C SER A 16 -13.54 3.44 12.72
N LYS A 17 -14.77 3.03 13.04
CA LYS A 17 -15.73 2.68 11.99
C LYS A 17 -16.13 3.90 11.18
N MET A 18 -16.27 5.05 11.83
CA MET A 18 -16.57 6.28 11.09
C MET A 18 -15.40 6.67 10.19
N ILE A 19 -14.17 6.34 10.58
CA ILE A 19 -13.03 6.56 9.69
C ILE A 19 -13.08 5.62 8.50
N GLU A 20 -13.41 4.34 8.75
CA GLU A 20 -13.54 3.38 7.65
C GLU A 20 -14.63 3.79 6.68
N LYS A 21 -15.69 4.44 7.16
CA LYS A 21 -16.74 4.91 6.26
C LYS A 21 -16.19 5.91 5.24
N GLN A 22 -15.39 6.88 5.71
CA GLN A 22 -14.80 7.85 4.79
C GLN A 22 -13.74 7.21 3.91
N LEU A 23 -13.04 6.19 4.41
CA LEU A 23 -12.11 5.47 3.55
C LEU A 23 -12.85 4.75 2.42
N GLN A 24 -13.99 4.15 2.73
CA GLN A 24 -14.81 3.53 1.69
C GLN A 24 -15.32 4.55 0.69
N LYS A 25 -15.64 5.77 1.15
CA LYS A 25 -16.04 6.80 0.20
C LYS A 25 -14.87 7.25 -0.68
N ASP A 26 -13.67 7.33 -0.11
CA ASP A 26 -12.50 7.73 -0.90
C ASP A 26 -12.11 6.65 -1.92
N LYS A 27 -12.37 5.38 -1.60
CA LYS A 27 -12.06 4.31 -2.53
C LYS A 27 -12.78 4.49 -3.86
N GLN A 28 -14.03 4.95 -3.82
CA GLN A 28 -14.83 5.11 -5.03
C GLN A 28 -14.20 6.14 -5.96
N VAL A 29 -13.86 7.32 -5.44
CA VAL A 29 -13.26 8.36 -6.26
C VAL A 29 -11.85 7.97 -6.69
N TYR A 30 -11.17 7.14 -5.89
CA TYR A 30 -9.87 6.63 -6.33
C TYR A 30 -10.03 5.71 -7.53
N ARG A 31 -11.05 4.84 -7.50
CA ARG A 31 -11.25 3.90 -8.60
C ARG A 31 -11.79 4.57 -9.86
N ARG A 32 -12.48 5.71 -9.72
CA ARG A 32 -13.10 6.32 -10.90
C ARG A 32 -12.07 6.89 -11.88
N THR A 33 -10.99 7.48 -11.38
CA THR A 33 -10.05 8.17 -12.24
C THR A 33 -8.96 7.24 -12.76
N LEU A 34 -8.46 7.54 -13.96
CA LEU A 34 -7.39 6.78 -14.60
C LEU A 34 -6.11 7.59 -14.56
N ARG A 35 -5.03 6.99 -14.06
CA ARG A 35 -3.78 7.69 -13.83
C ARG A 35 -2.78 7.34 -14.92
N LEU A 36 -2.16 8.38 -15.51
CA LEU A 36 -1.22 8.22 -16.61
C LEU A 36 0.12 8.85 -16.24
N LEU A 37 1.19 8.33 -16.84
CA LEU A 37 2.53 8.87 -16.60
C LEU A 37 3.09 9.41 -17.91
N LEU A 38 3.37 10.71 -17.95
CA LEU A 38 3.92 11.35 -19.14
C LEU A 38 5.44 11.31 -19.10
N LEU A 39 6.06 10.86 -20.20
CA LEU A 39 7.50 10.72 -20.28
C LEU A 39 7.99 11.27 -21.61
N GLY A 40 9.21 11.81 -21.59
CA GLY A 40 9.80 12.38 -22.78
C GLY A 40 11.17 12.94 -22.47
N ALA A 41 11.72 13.66 -23.44
CA ALA A 41 13.05 14.25 -23.34
C ALA A 41 12.94 15.77 -23.48
N ASP A 42 14.09 16.42 -23.61
CA ASP A 42 14.13 17.88 -23.70
C ASP A 42 13.39 18.39 -24.93
N ASN A 43 13.59 17.73 -26.07
CA ASN A 43 13.02 18.18 -27.34
C ASN A 43 11.76 17.42 -27.72
N SER A 44 11.15 16.68 -26.80
CA SER A 44 9.97 15.89 -27.13
C SER A 44 8.81 16.79 -27.57
N GLY A 45 8.61 17.90 -26.88
CA GLY A 45 7.43 18.71 -27.09
C GLY A 45 6.24 18.29 -26.26
N LYS A 46 6.46 17.49 -25.21
CA LYS A 46 5.35 17.05 -24.38
C LYS A 46 4.68 18.22 -23.67
N SER A 47 5.44 19.28 -23.35
CA SER A 47 4.83 20.45 -22.73
C SER A 47 3.77 21.06 -23.62
N THR A 48 4.04 21.15 -24.93
CA THR A 48 3.06 21.68 -25.86
C THR A 48 1.80 20.83 -25.87
N ILE A 49 1.94 19.50 -25.87
CA ILE A 49 0.76 18.65 -25.96
C ILE A 49 -0.05 18.72 -24.67
N VAL A 50 0.60 18.78 -23.51
CA VAL A 50 -0.17 18.87 -22.27
C VAL A 50 -0.86 20.23 -22.16
N LYS A 51 -0.21 21.31 -22.60
CA LYS A 51 -0.87 22.61 -22.57
C LYS A 51 -2.08 22.63 -23.48
N GLN A 52 -1.90 22.24 -24.75
CA GLN A 52 -2.99 22.29 -25.71
C GLN A 52 -4.05 21.23 -25.48
N MET A 53 -3.78 20.23 -24.64
CA MET A 53 -4.78 19.22 -24.30
C MET A 53 -5.52 19.54 -23.01
N ARG A 54 -4.87 20.19 -22.04
CA ARG A 54 -5.59 20.65 -20.86
C ARG A 54 -6.41 21.90 -21.13
N ILE A 55 -5.98 22.74 -22.08
CA ILE A 55 -6.75 23.95 -22.37
C ILE A 55 -8.12 23.61 -22.95
N TYR A 56 -8.15 22.68 -23.91
CA TYR A 56 -9.37 22.38 -24.64
C TYR A 56 -10.19 21.24 -24.04
N HIS A 57 -9.69 20.57 -23.01
CA HIS A 57 -10.37 19.41 -22.44
C HIS A 57 -10.33 19.46 -20.91
N VAL A 58 -10.63 20.62 -20.35
CA VAL A 58 -10.66 20.78 -18.90
C VAL A 58 -11.61 19.79 -18.24
N THR A 181 9.38 25.18 -7.34
CA THR A 181 9.90 24.09 -8.13
C THR A 181 9.34 22.75 -7.68
N SER A 182 8.10 22.48 -8.11
CA SER A 182 7.43 21.24 -7.72
C SER A 182 8.12 20.03 -8.33
N GLY A 183 8.14 18.93 -7.57
CA GLY A 183 8.74 17.71 -8.06
C GLY A 183 7.88 16.91 -9.01
N ILE A 184 6.57 17.14 -9.00
CA ILE A 184 5.62 16.46 -9.87
C ILE A 184 4.54 17.46 -10.25
N PHE A 185 4.20 17.51 -11.54
CA PHE A 185 3.10 18.33 -12.03
C PHE A 185 1.93 17.43 -12.39
N GLU A 186 0.73 17.87 -12.04
CA GLU A 186 -0.48 17.10 -12.26
C GLU A 186 -1.40 17.84 -13.23
N THR A 187 -2.04 17.08 -14.12
CA THR A 187 -2.99 17.65 -15.07
C THR A 187 -4.23 16.77 -15.12
N LYS A 188 -5.39 17.36 -14.84
CA LYS A 188 -6.65 16.63 -14.83
C LYS A 188 -7.45 17.01 -16.07
N PHE A 189 -7.91 16.00 -16.81
CA PHE A 189 -8.79 16.26 -17.96
C PHE A 189 -9.85 15.16 -18.01
N GLN A 190 -10.79 15.32 -18.95
CA GLN A 190 -11.97 14.47 -18.99
C GLN A 190 -12.40 14.27 -20.44
N VAL A 191 -12.64 13.02 -20.81
CA VAL A 191 -13.11 12.68 -22.16
C VAL A 191 -14.32 11.77 -22.01
N ASP A 192 -15.43 12.16 -22.63
CA ASP A 192 -16.66 11.38 -22.63
C ASP A 192 -17.05 10.97 -21.21
N LYS A 193 -16.97 11.93 -20.29
CA LYS A 193 -17.36 11.76 -18.90
C LYS A 193 -16.50 10.71 -18.17
N VAL A 194 -15.27 10.51 -18.62
CA VAL A 194 -14.29 9.70 -17.89
C VAL A 194 -13.09 10.58 -17.55
N ASN A 195 -12.54 10.39 -16.36
CA ASN A 195 -11.55 11.29 -15.80
C ASN A 195 -10.14 10.71 -15.93
N PHE A 196 -9.23 11.50 -16.47
CA PHE A 196 -7.82 11.17 -16.55
C PHE A 196 -7.02 12.14 -15.69
N HIS A 197 -6.07 11.59 -14.96
CA HIS A 197 -5.12 12.36 -14.15
C HIS A 197 -3.73 11.99 -14.63
N MET A 198 -3.01 12.94 -15.22
CA MET A 198 -1.71 12.70 -15.83
C MET A 198 -0.62 13.36 -15.00
N PHE A 199 0.49 12.64 -14.82
CA PHE A 199 1.58 13.10 -13.99
C PHE A 199 2.82 13.29 -14.85
N ASP A 200 3.41 14.48 -14.78
CA ASP A 200 4.63 14.83 -15.50
C ASP A 200 5.71 15.18 -14.49
N VAL A 201 6.85 14.52 -14.59
CA VAL A 201 7.92 14.73 -13.63
C VAL A 201 8.61 16.06 -13.93
N GLY A 202 9.17 16.67 -12.88
CA GLY A 202 9.87 17.92 -13.02
C GLY A 202 10.66 18.22 -11.78
N ALA A 203 11.69 19.05 -11.96
CA ALA A 203 12.59 19.45 -10.87
C ALA A 203 13.28 18.26 -10.21
N GLN A 204 13.26 17.10 -10.85
CA GLN A 204 14.01 15.93 -10.40
C GLN A 204 15.34 15.85 -11.16
N ARG A 205 16.20 14.95 -10.71
CA ARG A 205 17.53 14.83 -11.27
C ARG A 205 17.52 13.84 -12.43
N ASP A 206 18.68 13.53 -12.98
CA ASP A 206 18.81 12.81 -14.24
C ASP A 206 18.83 11.30 -14.09
N GLU A 207 18.76 10.77 -12.87
CA GLU A 207 18.81 9.33 -12.64
C GLU A 207 17.42 8.86 -12.23
N ARG A 208 16.80 8.04 -13.08
CA ARG A 208 15.41 7.64 -12.94
C ARG A 208 15.24 6.24 -12.36
N ARG A 209 16.30 5.68 -11.77
CA ARG A 209 16.22 4.32 -11.27
C ARG A 209 15.17 4.16 -10.19
N LYS A 210 15.11 5.11 -9.25
CA LYS A 210 14.41 4.91 -8.00
C LYS A 210 13.12 5.70 -7.85
N TRP A 211 12.85 6.66 -8.73
CA TRP A 211 11.56 7.34 -8.71
C TRP A 211 10.61 6.86 -9.79
N ILE A 212 11.09 6.04 -10.74
CA ILE A 212 10.19 5.47 -11.75
C ILE A 212 9.47 4.24 -11.23
N GLN A 213 9.85 3.73 -10.05
CA GLN A 213 9.16 2.60 -9.44
C GLN A 213 7.85 3.01 -8.77
N CYS A 214 7.63 4.32 -8.56
CA CYS A 214 6.37 4.78 -8.01
C CYS A 214 5.22 4.55 -8.98
N PHE A 215 5.45 4.79 -10.26
CA PHE A 215 4.42 4.68 -11.29
C PHE A 215 4.36 3.27 -11.88
N ASN A 216 4.28 2.26 -11.02
CA ASN A 216 4.19 0.87 -11.47
C ASN A 216 2.75 0.38 -11.56
N ASP A 217 1.78 1.16 -11.09
CA ASP A 217 0.37 0.78 -11.16
C ASP A 217 -0.45 1.79 -11.95
N VAL A 218 0.18 2.69 -12.70
CA VAL A 218 -0.58 3.63 -13.51
C VAL A 218 -1.27 2.89 -14.65
N THR A 219 -2.29 3.54 -15.22
CA THR A 219 -3.01 2.93 -16.33
C THR A 219 -2.11 2.77 -17.55
N ALA A 220 -1.35 3.81 -17.89
CA ALA A 220 -0.49 3.75 -19.06
C ALA A 220 0.65 4.73 -18.94
N ILE A 221 1.69 4.49 -19.73
CA ILE A 221 2.82 5.39 -19.85
C ILE A 221 2.73 6.05 -21.23
N ILE A 222 2.44 7.33 -21.25
CA ILE A 222 2.54 8.11 -22.48
C ILE A 222 4.01 8.45 -22.70
N PHE A 223 4.51 8.16 -23.89
CA PHE A 223 5.92 8.37 -24.22
C PHE A 223 6.00 9.21 -25.48
N VAL A 224 6.62 10.38 -25.38
CA VAL A 224 6.69 11.33 -26.49
C VAL A 224 8.09 11.29 -27.10
N VAL A 225 8.16 11.18 -28.42
CA VAL A 225 9.42 11.09 -29.16
C VAL A 225 9.44 12.17 -30.22
N ASP A 226 10.55 12.91 -30.29
CA ASP A 226 10.76 13.86 -31.39
C ASP A 226 11.24 13.07 -32.61
N SER A 227 10.39 12.98 -33.63
CA SER A 227 10.72 12.18 -34.80
C SER A 227 11.73 12.84 -35.72
N SER A 228 11.73 14.17 -35.78
CA SER A 228 12.57 14.89 -36.73
C SER A 228 14.01 15.09 -36.24
N ASP A 229 14.41 14.41 -35.16
CA ASP A 229 15.75 14.51 -34.62
C ASP A 229 16.44 13.17 -34.79
N TYR A 230 17.24 13.04 -35.86
CA TYR A 230 17.95 11.79 -36.11
C TYR A 230 19.12 11.59 -35.16
N ASN A 231 19.75 12.69 -34.72
CA ASN A 231 20.91 12.58 -33.83
C ASN A 231 20.53 11.94 -32.51
N ARG A 232 19.36 12.29 -31.98
CA ARG A 232 18.91 11.83 -30.67
C ARG A 232 17.72 10.87 -30.79
N LEU A 233 17.72 10.04 -31.83
CA LEU A 233 16.67 9.04 -31.99
C LEU A 233 17.04 7.70 -31.35
N GLN A 234 18.32 7.32 -31.42
CA GLN A 234 18.76 6.12 -30.72
C GLN A 234 18.71 6.31 -29.21
N GLU A 235 18.90 7.54 -28.74
CA GLU A 235 18.71 7.83 -27.32
C GLU A 235 17.26 7.56 -26.90
N ALA A 236 16.30 8.01 -27.72
CA ALA A 236 14.89 7.73 -27.45
C ALA A 236 14.60 6.23 -27.54
N LEU A 237 15.23 5.55 -28.49
CA LEU A 237 15.03 4.10 -28.60
C LEU A 237 15.54 3.38 -27.35
N ASN A 238 16.70 3.79 -26.83
CA ASN A 238 17.24 3.18 -25.62
C ASN A 238 16.38 3.50 -24.40
N ASP A 239 15.85 4.72 -24.33
CA ASP A 239 14.91 5.07 -23.26
C ASP A 239 13.69 4.17 -23.32
N PHE A 240 13.13 3.97 -24.52
CA PHE A 240 11.98 3.10 -24.68
C PHE A 240 12.30 1.66 -24.30
N LYS A 241 13.48 1.18 -24.68
CA LYS A 241 13.88 -0.18 -24.31
C LYS A 241 13.96 -0.34 -22.79
N SER A 242 14.61 0.61 -22.12
CA SER A 242 14.76 0.51 -20.67
C SER A 242 13.40 0.59 -19.98
N ILE A 243 12.50 1.43 -20.48
CA ILE A 243 11.16 1.51 -19.91
C ILE A 243 10.40 0.21 -20.14
N TRP A 244 10.50 -0.35 -21.34
CA TRP A 244 9.76 -1.55 -21.69
C TRP A 244 10.21 -2.74 -20.85
N ASN A 245 11.52 -2.87 -20.64
CA ASN A 245 12.07 -4.06 -19.99
C ASN A 245 12.18 -3.94 -18.47
N ASN A 246 11.75 -2.82 -17.89
CA ASN A 246 11.83 -2.65 -16.45
C ASN A 246 10.95 -3.67 -15.73
N ARG A 247 11.42 -4.13 -14.57
CA ARG A 247 10.71 -5.19 -13.85
C ARG A 247 9.38 -4.70 -13.31
N TRP A 248 9.32 -3.45 -12.85
CA TRP A 248 8.09 -2.92 -12.27
C TRP A 248 7.18 -2.29 -13.29
N LEU A 249 7.71 -1.86 -14.44
CA LEU A 249 6.91 -1.40 -15.57
C LEU A 249 6.76 -2.48 -16.64
N ARG A 250 6.87 -3.75 -16.24
CA ARG A 250 6.82 -4.87 -17.15
C ARG A 250 5.41 -5.24 -17.58
N THR A 251 4.38 -4.62 -16.98
CA THR A 251 3.00 -4.93 -17.31
C THR A 251 2.18 -3.68 -17.62
N ILE A 252 2.84 -2.56 -17.91
CA ILE A 252 2.17 -1.28 -18.16
C ILE A 252 2.30 -0.96 -19.65
N SER A 253 1.15 -0.75 -20.29
CA SER A 253 1.15 -0.43 -21.71
C SER A 253 1.65 1.00 -21.94
N VAL A 254 2.13 1.23 -23.16
CA VAL A 254 2.75 2.49 -23.55
C VAL A 254 1.98 3.08 -24.72
N ILE A 255 1.57 4.34 -24.59
CA ILE A 255 1.00 5.11 -25.68
C ILE A 255 2.13 5.94 -26.28
N LEU A 256 2.57 5.58 -27.46
CA LEU A 256 3.75 6.17 -28.08
C LEU A 256 3.31 7.27 -29.04
N PHE A 257 3.60 8.53 -28.69
CA PHE A 257 3.37 9.67 -29.56
C PHE A 257 4.67 10.02 -30.25
N LEU A 258 4.62 10.20 -31.56
CA LEU A 258 5.78 10.56 -32.37
C LEU A 258 5.53 11.99 -32.89
N ASN A 259 5.91 12.97 -32.07
CA ASN A 259 5.59 14.36 -32.34
C ASN A 259 6.39 14.89 -33.52
N LYS A 260 6.06 16.11 -33.92
CA LYS A 260 6.79 16.86 -34.94
C LYS A 260 6.85 16.10 -36.26
N GLN A 261 5.67 15.65 -36.73
CA GLN A 261 5.59 15.04 -38.05
C GLN A 261 5.71 16.09 -39.15
N ASP A 262 5.32 17.34 -38.88
CA ASP A 262 5.48 18.40 -39.87
C ASP A 262 6.96 18.73 -40.08
N LEU A 263 7.70 18.90 -38.99
CA LEU A 263 9.14 19.15 -39.09
C LEU A 263 9.83 17.98 -39.77
N LEU A 264 9.44 16.75 -39.43
CA LEU A 264 10.00 15.58 -40.09
C LEU A 264 9.69 15.60 -41.59
N ALA A 265 8.47 15.98 -41.96
CA ALA A 265 8.08 16.01 -43.36
C ALA A 265 8.96 16.98 -44.15
N GLU A 266 9.09 18.21 -43.65
CA GLU A 266 9.96 19.16 -44.35
C GLU A 266 11.44 18.78 -44.25
N LYS A 267 11.82 17.98 -43.25
CA LYS A 267 13.22 17.55 -43.15
C LYS A 267 13.56 16.48 -44.18
N VAL A 268 12.67 15.52 -44.41
CA VAL A 268 12.99 14.45 -45.34
C VAL A 268 12.64 14.84 -46.77
N LEU A 269 11.68 15.74 -46.96
CA LEU A 269 11.22 16.08 -48.30
C LEU A 269 12.35 16.62 -49.16
N ALA A 270 13.19 17.49 -48.61
CA ALA A 270 14.32 18.04 -49.35
C ALA A 270 15.35 18.55 -48.37
N GLY A 271 16.55 17.96 -48.42
CA GLY A 271 17.62 18.39 -47.54
C GLY A 271 18.77 17.40 -47.56
N LYS A 272 19.84 17.78 -46.88
CA LYS A 272 21.02 16.94 -46.79
C LYS A 272 20.89 15.86 -45.71
N SER A 273 19.92 15.98 -44.82
CA SER A 273 19.74 14.98 -43.77
C SER A 273 19.16 13.70 -44.34
N LYS A 274 19.80 12.58 -44.02
CA LYS A 274 19.35 11.26 -44.45
C LYS A 274 19.32 10.31 -43.26
N ILE A 275 18.29 9.47 -43.21
CA ILE A 275 18.16 8.51 -42.12
C ILE A 275 19.18 7.38 -42.24
N GLU A 276 19.78 7.20 -43.42
CA GLU A 276 20.71 6.10 -43.62
C GLU A 276 22.05 6.31 -42.92
N ASP A 277 22.43 7.56 -42.63
CA ASP A 277 23.72 7.79 -41.99
C ASP A 277 23.70 7.37 -40.53
N TYR A 278 22.54 7.39 -39.89
CA TYR A 278 22.41 6.96 -38.50
C TYR A 278 21.85 5.56 -38.37
N PHE A 279 20.88 5.19 -39.20
CA PHE A 279 20.36 3.82 -39.26
C PHE A 279 20.69 3.25 -40.63
N PRO A 280 21.73 2.42 -40.74
CA PRO A 280 22.19 1.99 -42.07
C PRO A 280 21.20 1.16 -42.86
N GLU A 281 20.20 0.56 -42.22
CA GLU A 281 19.29 -0.34 -42.91
C GLU A 281 18.11 0.40 -43.55
N PHE A 282 18.09 1.73 -43.52
CA PHE A 282 17.01 2.46 -44.16
C PHE A 282 17.07 2.31 -45.68
N ALA A 283 18.28 2.26 -46.25
CA ALA A 283 18.42 2.12 -47.69
C ALA A 283 17.90 0.78 -48.21
N ARG A 284 17.81 -0.22 -47.34
CA ARG A 284 17.25 -1.52 -47.71
C ARG A 284 15.82 -1.68 -47.22
N TYR A 285 15.14 -0.57 -46.90
CA TYR A 285 13.78 -0.59 -46.39
C TYR A 285 12.84 -0.04 -47.45
N THR A 286 11.77 -0.78 -47.73
CA THR A 286 10.70 -0.36 -48.63
C THR A 286 9.38 -0.41 -47.88
N THR A 287 8.55 0.60 -48.10
CA THR A 287 7.27 0.65 -47.40
C THR A 287 6.41 -0.54 -47.80
N PRO A 288 5.71 -1.16 -46.85
CA PRO A 288 4.97 -2.38 -47.15
C PRO A 288 3.78 -2.12 -48.05
N GLU A 289 3.19 -3.22 -48.53
CA GLU A 289 2.01 -3.12 -49.38
C GLU A 289 0.85 -2.48 -48.64
N ASP A 290 0.65 -2.86 -47.38
CA ASP A 290 -0.41 -2.28 -46.54
C ASP A 290 0.05 -1.02 -45.85
N ALA A 291 0.57 -0.06 -46.63
CA ALA A 291 1.07 1.18 -46.05
C ALA A 291 -0.06 2.04 -45.52
N THR A 292 -1.13 2.20 -46.31
CA THR A 292 -2.25 3.06 -45.98
C THR A 292 -1.79 4.46 -45.54
N PRO A 293 -1.10 5.20 -46.40
CA PRO A 293 -0.61 6.53 -46.01
C PRO A 293 -1.71 7.57 -46.05
N GLU A 294 -1.45 8.68 -45.36
CA GLU A 294 -2.36 9.81 -45.42
C GLU A 294 -2.35 10.42 -46.82
N PRO A 295 -3.48 10.96 -47.27
CA PRO A 295 -3.54 11.50 -48.63
C PRO A 295 -2.56 12.65 -48.82
N GLY A 296 -1.95 12.68 -50.00
CA GLY A 296 -1.02 13.73 -50.37
C GLY A 296 0.39 13.56 -49.87
N GLU A 297 0.69 12.48 -49.16
CA GLU A 297 2.04 12.28 -48.61
C GLU A 297 2.98 11.79 -49.71
N ASP A 298 4.14 12.43 -49.78
CA ASP A 298 5.20 11.95 -50.66
C ASP A 298 5.64 10.57 -50.20
N PRO A 299 5.86 9.62 -51.11
CA PRO A 299 6.28 8.27 -50.68
C PRO A 299 7.52 8.25 -49.81
N ARG A 300 8.45 9.19 -50.00
CA ARG A 300 9.61 9.27 -49.14
C ARG A 300 9.21 9.56 -47.69
N VAL A 301 8.29 10.52 -47.51
CA VAL A 301 7.86 10.90 -46.16
C VAL A 301 7.20 9.72 -45.46
N THR A 302 6.31 9.02 -46.17
CA THR A 302 5.59 7.92 -45.54
C THR A 302 6.50 6.73 -45.28
N ARG A 303 7.47 6.49 -46.17
CA ARG A 303 8.45 5.44 -45.92
C ARG A 303 9.27 5.74 -44.67
N ALA A 304 9.71 6.99 -44.52
CA ALA A 304 10.43 7.38 -43.32
C ALA A 304 9.54 7.23 -42.08
N LYS A 305 8.27 7.59 -42.18
CA LYS A 305 7.36 7.51 -41.04
C LYS A 305 7.23 6.08 -40.56
N TYR A 306 6.94 5.13 -41.46
CA TYR A 306 6.80 3.75 -41.00
C TYR A 306 8.14 3.12 -40.63
N PHE A 307 9.26 3.58 -41.20
CA PHE A 307 10.55 3.09 -40.72
C PHE A 307 10.75 3.50 -39.26
N ILE A 308 10.48 4.76 -38.94
CA ILE A 308 10.64 5.24 -37.57
C ILE A 308 9.70 4.50 -36.62
N ARG A 309 8.44 4.30 -37.05
CA ARG A 309 7.49 3.59 -36.19
C ARG A 309 7.91 2.14 -35.97
N LYS A 310 8.41 1.48 -37.03
CA LYS A 310 8.86 0.10 -36.89
C LYS A 310 10.06 0.00 -35.97
N GLU A 311 10.90 1.05 -35.92
CA GLU A 311 12.04 1.03 -35.01
C GLU A 311 11.61 0.85 -33.57
N PHE A 312 10.42 1.33 -33.20
CA PHE A 312 9.90 1.14 -31.85
C PHE A 312 9.03 -0.09 -31.72
N VAL A 313 8.28 -0.42 -32.77
CA VAL A 313 7.44 -1.62 -32.74
C VAL A 313 8.29 -2.88 -32.64
N ASP A 314 9.51 -2.85 -33.17
CA ASP A 314 10.41 -4.00 -33.04
C ASP A 314 10.72 -4.29 -31.58
N ILE A 315 11.09 -3.25 -30.83
CA ILE A 315 11.32 -3.42 -29.40
C ILE A 315 10.05 -3.83 -28.69
N SER A 316 8.92 -3.23 -29.09
CA SER A 316 7.65 -3.56 -28.43
C SER A 316 7.31 -5.04 -28.57
N THR A 317 7.49 -5.60 -29.76
CA THR A 317 7.15 -6.99 -30.03
C THR A 317 8.27 -7.96 -29.70
N ALA A 318 9.47 -7.48 -29.39
CA ALA A 318 10.58 -8.40 -29.11
C ALA A 318 10.45 -9.06 -27.75
N SER A 319 9.80 -8.42 -26.78
CA SER A 319 9.74 -8.97 -25.43
C SER A 319 8.37 -8.81 -24.78
N GLY A 320 7.32 -8.56 -25.56
CA GLY A 320 5.99 -8.36 -25.01
C GLY A 320 5.46 -9.54 -24.23
N ASP A 321 5.19 -10.65 -24.94
CA ASP A 321 4.70 -11.89 -24.32
C ASP A 321 3.41 -11.65 -23.54
N GLY A 322 2.53 -10.80 -24.08
CA GLY A 322 1.25 -10.53 -23.47
C GLY A 322 1.35 -9.55 -22.33
N ARG A 323 0.17 -9.06 -21.90
CA ARG A 323 0.03 -8.09 -20.84
C ARG A 323 0.80 -6.81 -21.10
N HIS A 324 1.15 -6.54 -22.37
CA HIS A 324 2.06 -5.45 -22.70
C HIS A 324 1.88 -5.14 -24.18
N ILE A 325 1.36 -3.95 -24.48
CA ILE A 325 1.11 -3.54 -25.86
C ILE A 325 1.52 -2.08 -26.01
N CYS A 326 2.18 -1.78 -27.13
CA CYS A 326 2.55 -0.41 -27.49
C CYS A 326 1.55 0.13 -28.50
N TYR A 327 1.21 1.41 -28.35
CA TYR A 327 0.23 2.09 -29.22
C TYR A 327 0.94 3.26 -29.90
N PRO A 328 1.47 3.07 -31.11
CA PRO A 328 2.21 4.15 -31.76
C PRO A 328 1.34 5.07 -32.60
N HIS A 329 1.47 6.37 -32.37
CA HIS A 329 0.70 7.38 -33.10
C HIS A 329 1.64 8.41 -33.68
N PHE A 330 1.16 9.11 -34.71
CA PHE A 330 1.90 10.18 -35.37
C PHE A 330 1.20 11.50 -35.07
N THR A 331 1.86 12.35 -34.28
CA THR A 331 1.26 13.59 -33.80
C THR A 331 2.01 14.79 -34.37
N CYS A 332 1.25 15.78 -34.82
CA CYS A 332 1.84 17.04 -35.26
C CYS A 332 2.08 17.93 -34.04
N SER A 333 2.43 19.20 -34.27
CA SER A 333 2.66 20.12 -33.16
C SER A 333 1.36 20.40 -32.42
N VAL A 334 0.37 20.96 -33.12
CA VAL A 334 -0.92 21.27 -32.52
C VAL A 334 -1.99 20.38 -33.16
N ASP A 335 -2.28 19.24 -32.52
CA ASP A 335 -3.31 18.33 -32.98
C ASP A 335 -4.42 18.29 -31.94
N THR A 336 -5.66 18.48 -32.39
CA THR A 336 -6.78 18.52 -31.46
C THR A 336 -7.13 17.13 -30.96
N GLU A 337 -7.10 16.13 -31.85
CA GLU A 337 -7.54 14.79 -31.49
C GLU A 337 -6.45 14.01 -30.76
N ASN A 338 -5.90 14.58 -29.69
CA ASN A 338 -4.93 13.90 -28.86
C ASN A 338 -5.53 13.33 -27.59
N ALA A 339 -6.64 13.89 -27.11
CA ALA A 339 -7.34 13.31 -25.96
C ALA A 339 -8.14 12.08 -26.39
N ARG A 340 -8.71 12.10 -27.59
CA ARG A 340 -9.44 10.93 -28.08
C ARG A 340 -8.50 9.74 -28.29
N ARG A 341 -7.29 10.00 -28.78
CA ARG A 341 -6.33 8.92 -28.97
C ARG A 341 -6.02 8.22 -27.66
N ILE A 342 -5.76 9.00 -26.61
CA ILE A 342 -5.47 8.45 -25.30
C ILE A 342 -6.70 7.75 -24.72
N PHE A 343 -7.88 8.32 -24.95
CA PHE A 343 -9.12 7.72 -24.45
C PHE A 343 -9.34 6.34 -25.05
N ASN A 344 -9.17 6.22 -26.38
CA ASN A 344 -9.34 4.95 -27.04
C ASN A 344 -8.28 3.94 -26.60
N ASP A 345 -7.04 4.39 -26.46
CA ASP A 345 -5.98 3.48 -26.03
C ASP A 345 -6.25 2.95 -24.62
N CYS A 346 -6.72 3.82 -23.72
CA CYS A 346 -7.06 3.37 -22.37
C CYS A 346 -8.26 2.44 -22.38
N LYS A 347 -9.23 2.68 -23.26
CA LYS A 347 -10.35 1.75 -23.42
C LYS A 347 -9.84 0.36 -23.76
N ASP A 348 -8.96 0.27 -24.76
CA ASP A 348 -8.39 -1.03 -25.15
C ASP A 348 -7.61 -1.66 -24.00
N ILE A 349 -6.83 -0.86 -23.29
CA ILE A 349 -6.01 -1.38 -22.20
C ILE A 349 -6.88 -2.00 -21.12
N ILE A 350 -7.93 -1.29 -20.70
CA ILE A 350 -8.80 -1.79 -19.66
C ILE A 350 -9.59 -3.01 -20.14
N LEU A 351 -9.96 -3.00 -21.43
CA LEU A 351 -10.67 -4.15 -21.99
C LEU A 351 -9.82 -5.41 -21.92
N GLN A 352 -8.53 -5.29 -22.24
CA GLN A 352 -7.65 -6.46 -22.13
C GLN A 352 -7.42 -6.86 -20.68
N MET A 353 -7.45 -5.92 -19.74
CA MET A 353 -7.42 -6.32 -18.34
C MET A 353 -8.63 -7.19 -17.98
N ASN A 354 -9.83 -6.75 -18.41
CA ASN A 354 -11.03 -7.54 -18.14
C ASN A 354 -10.97 -8.90 -18.80
N LEU A 355 -10.47 -8.96 -20.04
CA LEU A 355 -10.31 -10.26 -20.70
C LEU A 355 -9.35 -11.16 -19.95
N ARG A 356 -8.26 -10.60 -19.44
CA ARG A 356 -7.27 -11.42 -18.73
C ARG A 356 -7.83 -11.96 -17.42
N GLU A 357 -8.66 -11.19 -16.72
CA GLU A 357 -9.15 -11.67 -15.43
C GLU A 357 -10.10 -12.85 -15.58
N TYR A 358 -10.76 -12.99 -16.73
CA TYR A 358 -11.71 -14.08 -16.96
C TYR A 358 -11.13 -15.23 -17.76
N ASN A 359 -9.80 -15.24 -17.97
CA ASN A 359 -9.12 -16.29 -18.72
C ASN A 359 -9.67 -16.44 -20.14
N LEU A 360 -10.14 -15.33 -20.73
CA LEU A 360 -10.67 -15.38 -22.09
C LEU A 360 -9.56 -15.29 -23.12
N VAL A 361 -8.82 -14.19 -23.12
CA VAL A 361 -7.73 -13.99 -24.07
C VAL A 361 -6.51 -13.41 -23.35
N SER B 24 48.79 17.11 -15.62
CA SER B 24 48.34 18.40 -15.14
C SER B 24 47.96 18.34 -13.67
N GLU B 25 47.25 19.37 -13.20
CA GLU B 25 46.83 19.41 -11.81
C GLU B 25 45.83 18.30 -11.50
N LEU B 26 44.87 18.07 -12.39
CA LEU B 26 43.85 17.06 -12.15
C LEU B 26 44.45 15.66 -12.05
N ASP B 27 45.42 15.34 -12.93
CA ASP B 27 46.06 14.03 -12.88
C ASP B 27 46.81 13.83 -11.58
N GLN B 28 47.55 14.85 -11.14
CA GLN B 28 48.29 14.75 -9.88
C GLN B 28 47.34 14.60 -8.71
N LEU B 29 46.23 15.35 -8.71
CA LEU B 29 45.26 15.21 -7.64
C LEU B 29 44.65 13.82 -7.61
N ARG B 30 44.36 13.25 -8.79
CA ARG B 30 43.82 11.89 -8.86
C ARG B 30 44.82 10.88 -8.34
N GLN B 31 46.11 11.04 -8.69
CA GLN B 31 47.12 10.12 -8.17
C GLN B 31 47.25 10.24 -6.65
N GLU B 32 47.18 11.47 -6.12
CA GLU B 32 47.22 11.64 -4.67
C GLU B 32 46.01 11.00 -4.00
N ALA B 33 44.83 11.11 -4.64
CA ALA B 33 43.64 10.48 -4.10
C ALA B 33 43.79 8.95 -4.08
N GLU B 34 44.37 8.39 -5.14
CA GLU B 34 44.61 6.94 -5.16
C GLU B 34 45.62 6.53 -4.09
N GLN B 35 46.65 7.36 -3.88
CA GLN B 35 47.61 7.07 -2.82
C GLN B 35 46.94 7.08 -1.45
N LEU B 36 46.05 8.06 -1.21
CA LEU B 36 45.32 8.10 0.05
C LEU B 36 44.39 6.90 0.19
N LYS B 37 43.76 6.47 -0.91
CA LYS B 37 42.95 5.27 -0.88
C LYS B 37 43.78 4.05 -0.49
N ASN B 38 44.97 3.93 -1.06
CA ASN B 38 45.84 2.81 -0.72
C ASN B 38 46.26 2.87 0.75
N GLN B 39 46.58 4.06 1.25
CA GLN B 39 46.95 4.20 2.65
C GLN B 39 45.81 3.79 3.58
N ILE B 40 44.59 4.24 3.28
CA ILE B 40 43.43 3.88 4.10
C ILE B 40 43.18 2.39 4.05
N ARG B 41 43.31 1.79 2.86
CA ARG B 41 43.10 0.35 2.72
C ARG B 41 44.13 -0.44 3.53
N ASP B 42 45.39 -0.03 3.46
CA ASP B 42 46.42 -0.72 4.23
C ASP B 42 46.21 -0.56 5.73
N ALA B 43 45.81 0.64 6.17
CA ALA B 43 45.52 0.85 7.59
C ALA B 43 44.36 -0.02 8.06
N ARG B 44 43.32 -0.14 7.23
CA ARG B 44 42.19 -1.00 7.57
C ARG B 44 42.60 -2.47 7.61
N LYS B 45 43.47 -2.89 6.68
CA LYS B 45 43.91 -4.28 6.65
C LYS B 45 44.82 -4.61 7.83
N ALA B 46 45.57 -3.62 8.34
CA ALA B 46 46.51 -3.90 9.42
C ALA B 46 45.81 -4.30 10.71
N CYS B 47 44.60 -3.82 10.93
CA CYS B 47 43.88 -4.06 12.18
C CYS B 47 42.95 -5.26 12.10
N ALA B 48 42.96 -6.00 10.99
CA ALA B 48 42.10 -7.18 10.83
C ALA B 48 42.81 -8.39 11.42
N ASP B 49 42.79 -8.47 12.75
CA ASP B 49 43.40 -9.61 13.44
C ASP B 49 42.68 -10.90 13.09
N ALA B 50 41.35 -10.92 13.20
CA ALA B 50 40.56 -12.09 12.91
C ALA B 50 39.17 -11.65 12.45
N THR B 51 38.48 -12.56 11.77
CA THR B 51 37.14 -12.27 11.29
C THR B 51 36.12 -12.43 12.42
N LEU B 52 34.95 -11.82 12.21
CA LEU B 52 33.87 -11.96 13.19
C LEU B 52 33.38 -13.39 13.25
N SER B 53 33.34 -14.07 12.09
CA SER B 53 32.85 -15.44 12.05
C SER B 53 33.76 -16.41 12.81
N GLN B 54 35.06 -16.11 12.85
CA GLN B 54 35.95 -16.94 13.67
C GLN B 54 35.74 -16.67 15.15
N ILE B 55 35.46 -15.42 15.52
CA ILE B 55 35.25 -15.08 16.91
C ILE B 55 33.92 -15.66 17.40
N THR B 56 32.89 -15.62 16.56
CA THR B 56 31.60 -16.26 16.86
C THR B 56 31.54 -17.64 16.21
N ASN B 57 32.35 -18.56 16.75
CA ASN B 57 32.40 -19.90 16.20
C ASN B 57 32.13 -20.99 17.22
N ASN B 58 31.93 -20.63 18.49
CA ASN B 58 31.60 -21.61 19.52
C ASN B 58 30.30 -21.33 20.25
N ILE B 59 29.70 -20.15 20.04
CA ILE B 59 28.43 -19.85 20.69
C ILE B 59 27.32 -20.69 20.09
N ASP B 60 26.25 -20.88 20.87
CA ASP B 60 25.13 -21.69 20.41
C ASP B 60 24.40 -20.99 19.27
N PRO B 61 24.00 -21.72 18.24
CA PRO B 61 23.17 -21.12 17.19
C PRO B 61 21.80 -20.74 17.72
N VAL B 62 21.22 -19.72 17.10
CA VAL B 62 19.95 -19.17 17.58
C VAL B 62 18.81 -20.18 17.41
N GLY B 63 18.89 -21.06 16.42
CA GLY B 63 17.85 -22.04 16.18
C GLY B 63 16.98 -21.71 14.98
N ARG B 64 15.66 -21.72 15.17
CA ARG B 64 14.71 -21.37 14.13
C ARG B 64 13.68 -20.43 14.74
N ILE B 65 13.67 -19.18 14.28
CA ILE B 65 12.81 -18.14 14.85
C ILE B 65 11.48 -18.20 14.09
N GLN B 66 10.51 -18.91 14.66
CA GLN B 66 9.19 -19.05 14.06
C GLN B 66 8.29 -17.94 14.60
N MET B 67 7.93 -16.99 13.74
CA MET B 67 7.10 -15.85 14.12
C MET B 67 5.77 -15.92 13.41
N ARG B 68 4.69 -15.78 14.16
CA ARG B 68 3.33 -15.89 13.65
C ARG B 68 2.68 -14.53 13.58
N THR B 69 1.78 -14.36 12.62
CA THR B 69 1.06 -13.10 12.46
C THR B 69 0.00 -12.95 13.54
N ARG B 70 -0.10 -11.74 14.10
CA ARG B 70 -1.08 -11.43 15.12
C ARG B 70 -2.14 -10.47 14.64
N ARG B 71 -1.76 -9.35 14.04
CA ARG B 71 -2.69 -8.34 13.55
C ARG B 71 -2.45 -8.07 12.07
N THR B 72 -3.54 -7.84 11.34
CA THR B 72 -3.48 -7.38 9.96
C THR B 72 -4.29 -6.11 9.85
N LEU B 73 -3.68 -5.06 9.30
CA LEU B 73 -4.29 -3.74 9.20
C LEU B 73 -4.60 -3.46 7.74
N ARG B 74 -5.87 -3.17 7.45
CA ARG B 74 -6.42 -3.23 6.10
C ARG B 74 -7.11 -1.91 5.72
N GLY B 75 -6.43 -0.80 5.94
CA GLY B 75 -7.01 0.49 5.65
C GLY B 75 -6.62 1.11 4.31
N HIS B 76 -5.36 0.97 3.93
CA HIS B 76 -4.84 1.67 2.76
C HIS B 76 -5.37 1.06 1.46
N LEU B 77 -5.41 1.89 0.42
CA LEU B 77 -5.93 1.49 -0.88
C LEU B 77 -4.85 1.26 -1.93
N ALA B 78 -3.59 1.60 -1.64
CA ALA B 78 -2.52 1.48 -2.63
C ALA B 78 -1.25 1.01 -1.92
N LYS B 79 -0.12 1.10 -2.62
CA LYS B 79 1.14 0.60 -2.11
C LYS B 79 1.54 1.34 -0.85
N ILE B 80 1.79 0.57 0.22
CA ILE B 80 2.35 1.14 1.45
C ILE B 80 3.84 1.34 1.23
N TYR B 81 4.30 2.58 1.34
CA TYR B 81 5.69 2.87 1.02
C TYR B 81 6.59 3.04 2.22
N ALA B 82 6.03 3.39 3.39
CA ALA B 82 6.84 3.56 4.59
C ALA B 82 5.94 3.46 5.81
N MET B 83 6.58 3.27 6.96
CA MET B 83 5.88 3.22 8.24
C MET B 83 6.88 3.52 9.35
N HIS B 84 6.36 3.87 10.51
CA HIS B 84 7.20 4.13 11.67
C HIS B 84 6.43 3.83 12.95
N TRP B 85 7.06 3.07 13.85
CA TRP B 85 6.45 2.75 15.13
C TRP B 85 6.42 3.98 16.03
N GLY B 86 5.53 3.94 17.01
CA GLY B 86 5.53 4.93 18.05
C GLY B 86 6.48 4.56 19.17
N THR B 87 6.98 5.58 19.88
CA THR B 87 7.90 5.33 20.98
C THR B 87 7.22 4.64 22.15
N ASP B 88 5.89 4.76 22.27
CA ASP B 88 5.15 4.07 23.31
C ASP B 88 4.90 2.60 22.98
N SER B 89 5.32 2.15 21.79
CA SER B 89 5.26 0.76 21.34
C SER B 89 3.85 0.26 21.07
N ARG B 90 2.87 1.14 21.00
CA ARG B 90 1.49 0.75 20.77
C ARG B 90 0.89 1.41 19.55
N LEU B 91 1.15 2.69 19.33
CA LEU B 91 0.67 3.39 18.15
C LEU B 91 1.68 3.27 17.02
N LEU B 92 1.18 3.42 15.79
CA LEU B 92 2.00 3.25 14.61
C LEU B 92 1.48 4.18 13.51
N VAL B 93 2.34 4.52 12.56
CA VAL B 93 1.96 5.37 11.45
C VAL B 93 2.32 4.66 10.14
N SER B 94 1.57 4.96 9.08
CA SER B 94 1.79 4.31 7.81
C SER B 94 1.38 5.24 6.67
N ALA B 95 2.19 5.28 5.62
CA ALA B 95 1.93 6.10 4.44
C ALA B 95 1.71 5.22 3.22
N SER B 96 0.65 5.51 2.47
CA SER B 96 0.37 4.79 1.24
C SER B 96 0.11 5.78 0.12
N GLN B 97 0.51 5.35 -1.09
CA GLN B 97 0.60 6.19 -2.28
C GLN B 97 -0.74 6.49 -2.91
N ASP B 98 -1.86 6.06 -2.32
CA ASP B 98 -3.12 6.69 -2.65
C ASP B 98 -3.16 8.12 -2.14
N GLY B 99 -2.20 8.50 -1.30
CA GLY B 99 -2.12 9.82 -0.72
C GLY B 99 -2.71 9.84 0.67
N LYS B 100 -2.34 8.89 1.53
CA LYS B 100 -2.95 8.86 2.85
C LYS B 100 -1.95 8.42 3.90
N LEU B 101 -2.17 8.90 5.12
CA LEU B 101 -1.32 8.62 6.27
C LEU B 101 -2.22 8.21 7.44
N ILE B 102 -2.11 6.96 7.88
CA ILE B 102 -3.01 6.41 8.89
C ILE B 102 -2.22 6.09 10.15
N ILE B 103 -2.80 6.45 11.29
CA ILE B 103 -2.26 6.10 12.61
C ILE B 103 -3.09 4.96 13.18
N TRP B 104 -2.43 3.87 13.53
CA TRP B 104 -3.05 2.65 13.99
C TRP B 104 -2.78 2.43 15.47
N ASP B 105 -3.79 1.95 16.19
CA ASP B 105 -3.60 1.33 17.50
C ASP B 105 -3.37 -0.16 17.27
N SER B 106 -2.13 -0.59 17.44
CA SER B 106 -1.76 -1.95 17.08
C SER B 106 -2.49 -2.98 17.95
N TYR B 107 -2.68 -2.68 19.23
CA TYR B 107 -3.27 -3.65 20.14
C TYR B 107 -4.69 -4.02 19.75
N THR B 108 -5.48 -3.03 19.34
CA THR B 108 -6.90 -3.22 19.05
C THR B 108 -7.25 -3.04 17.58
N THR B 109 -6.26 -2.79 16.72
CA THR B 109 -6.46 -2.58 15.28
C THR B 109 -7.38 -1.41 14.98
N ASN B 110 -7.54 -0.48 15.93
CA ASN B 110 -8.36 0.70 15.69
C ASN B 110 -7.59 1.72 14.86
N LYS B 111 -8.32 2.70 14.34
CA LYS B 111 -7.74 3.79 13.57
C LYS B 111 -7.89 5.08 14.37
N VAL B 112 -6.76 5.65 14.79
CA VAL B 112 -6.81 6.87 15.60
C VAL B 112 -6.92 8.10 14.72
N HIS B 113 -6.17 8.16 13.62
CA HIS B 113 -6.18 9.30 12.72
C HIS B 113 -6.01 8.82 11.29
N ALA B 114 -6.61 9.55 10.36
CA ALA B 114 -6.46 9.31 8.93
C ALA B 114 -6.30 10.66 8.24
N ILE B 115 -5.11 10.93 7.72
CA ILE B 115 -4.71 12.23 7.21
C ILE B 115 -4.60 12.15 5.69
N PRO B 116 -5.39 12.91 4.94
CA PRO B 116 -5.12 13.06 3.50
C PRO B 116 -3.99 14.05 3.26
N LEU B 117 -3.24 13.79 2.20
CA LEU B 117 -2.06 14.58 1.87
C LEU B 117 -2.26 15.30 0.54
N ARG B 118 -1.58 16.44 0.41
CA ARG B 118 -1.67 17.22 -0.83
C ARG B 118 -1.11 16.45 -2.01
N SER B 119 0.02 15.78 -1.82
CA SER B 119 0.66 14.98 -2.85
C SER B 119 0.52 13.50 -2.53
N SER B 120 0.15 12.71 -3.53
CA SER B 120 -0.08 11.28 -3.37
C SER B 120 1.17 10.45 -3.57
N TRP B 121 2.32 11.08 -3.85
CA TRP B 121 3.58 10.37 -4.06
C TRP B 121 4.44 10.55 -2.82
N VAL B 122 4.26 9.65 -1.86
CA VAL B 122 4.91 9.74 -0.56
C VAL B 122 5.79 8.50 -0.37
N MET B 123 7.04 8.73 0.05
CA MET B 123 8.05 7.69 0.17
C MET B 123 8.57 7.50 1.60
N THR B 124 8.10 8.26 2.57
CA THR B 124 8.73 8.25 3.88
C THR B 124 7.74 8.57 4.97
N CYS B 125 8.10 8.21 6.20
CA CYS B 125 7.30 8.47 7.39
C CYS B 125 8.21 8.77 8.56
N ALA B 126 7.63 9.41 9.58
CA ALA B 126 8.32 9.63 10.84
C ALA B 126 7.28 9.75 11.94
N TYR B 127 7.68 9.38 13.15
CA TYR B 127 6.85 9.52 14.34
C TYR B 127 7.70 10.20 15.40
N ALA B 128 7.28 11.39 15.82
CA ALA B 128 8.06 12.15 16.78
C ALA B 128 8.16 11.38 18.10
N PRO B 129 9.34 11.36 18.73
CA PRO B 129 9.44 10.70 20.04
C PRO B 129 8.51 11.27 21.09
N SER B 130 8.23 12.57 21.02
CA SER B 130 7.21 13.16 21.88
C SER B 130 5.83 12.59 21.57
N GLY B 131 5.52 12.42 20.29
CA GLY B 131 4.25 11.90 19.85
C GLY B 131 3.26 12.93 19.37
N ASN B 132 3.63 14.21 19.36
CA ASN B 132 2.71 15.27 18.95
C ASN B 132 2.67 15.47 17.44
N TYR B 133 3.72 15.09 16.72
CA TYR B 133 3.86 15.42 15.32
C TYR B 133 4.13 14.17 14.49
N VAL B 134 3.83 14.28 13.20
CA VAL B 134 4.23 13.30 12.20
C VAL B 134 4.82 14.05 11.01
N ALA B 135 5.56 13.32 10.19
CA ALA B 135 6.21 13.92 9.02
C ALA B 135 6.08 12.99 7.83
N CYS B 136 6.01 13.58 6.64
CA CYS B 136 5.98 12.79 5.42
C CYS B 136 6.52 13.60 4.25
N GLY B 137 7.06 12.90 3.26
CA GLY B 137 7.58 13.55 2.07
C GLY B 137 7.65 12.54 0.95
N GLY B 138 8.04 13.04 -0.22
CA GLY B 138 8.13 12.18 -1.39
C GLY B 138 8.61 12.87 -2.63
N LEU B 139 7.95 12.63 -3.77
CA LEU B 139 8.31 13.25 -5.04
C LEU B 139 7.97 14.73 -5.10
N ASP B 140 7.51 15.37 -4.02
CA ASP B 140 7.21 16.80 -4.03
C ASP B 140 8.39 17.64 -3.55
N ASN B 141 9.49 17.01 -3.15
CA ASN B 141 10.69 17.71 -2.66
C ASN B 141 10.39 18.55 -1.42
N ILE B 142 9.39 18.16 -0.65
CA ILE B 142 8.94 18.92 0.51
C ILE B 142 8.67 17.95 1.66
N CYS B 143 9.10 18.32 2.86
CA CYS B 143 8.80 17.56 4.08
C CYS B 143 7.68 18.27 4.83
N SER B 144 6.55 17.59 5.02
CA SER B 144 5.39 18.15 5.66
C SER B 144 5.27 17.60 7.08
N ILE B 145 5.15 18.51 8.05
CA ILE B 145 5.03 18.19 9.47
C ILE B 145 3.61 18.52 9.89
N TYR B 146 2.93 17.52 10.45
CA TYR B 146 1.54 17.63 10.90
C TYR B 146 1.48 17.54 12.41
N ASN B 147 0.65 18.40 13.02
CA ASN B 147 0.49 18.47 14.47
C ASN B 147 -0.72 17.65 14.88
N LEU B 148 -0.47 16.53 15.58
CA LEU B 148 -1.55 15.61 15.94
C LEU B 148 -2.40 16.14 17.09
N LYS B 149 -1.79 16.77 18.09
CA LYS B 149 -2.49 17.19 19.30
C LYS B 149 -2.84 18.67 19.17
N THR B 150 -3.99 18.93 18.53
CA THR B 150 -4.49 20.28 18.33
C THR B 150 -5.66 20.54 19.27
N ARG B 151 -5.74 21.77 19.77
CA ARG B 151 -6.86 22.16 20.61
C ARG B 151 -8.18 22.14 19.84
N GLU B 152 -8.12 22.22 18.51
CA GLU B 152 -9.31 22.26 17.66
C GLU B 152 -9.81 20.88 17.27
N GLY B 153 -9.17 19.81 17.73
CA GLY B 153 -9.63 18.47 17.45
C GLY B 153 -9.30 17.93 16.09
N ASN B 154 -8.44 18.60 15.33
CA ASN B 154 -8.06 18.19 13.99
C ASN B 154 -6.60 17.75 13.98
N VAL B 155 -6.13 17.36 12.79
CA VAL B 155 -4.71 17.21 12.50
C VAL B 155 -4.37 18.24 11.43
N ARG B 156 -3.45 19.14 11.76
CA ARG B 156 -3.22 20.34 10.96
C ARG B 156 -1.76 20.37 10.51
N VAL B 157 -1.54 20.81 9.28
CA VAL B 157 -0.20 20.88 8.72
C VAL B 157 0.59 21.95 9.47
N SER B 158 1.52 21.52 10.32
CA SER B 158 2.29 22.48 11.10
C SER B 158 3.30 23.21 10.23
N ARG B 159 3.98 22.50 9.33
CA ARG B 159 5.09 23.13 8.61
C ARG B 159 5.33 22.40 7.29
N GLU B 160 5.89 23.14 6.33
CA GLU B 160 6.37 22.57 5.07
C GLU B 160 7.81 23.04 4.84
N LEU B 161 8.75 22.10 4.80
CA LEU B 161 10.16 22.40 4.60
C LEU B 161 10.50 22.10 3.14
N ALA B 162 10.96 23.12 2.42
CA ALA B 162 11.01 23.11 0.96
C ALA B 162 12.41 23.48 0.46
N GLY B 163 13.44 22.83 0.98
CA GLY B 163 14.80 23.14 0.58
C GLY B 163 15.40 22.22 -0.46
N HIS B 164 15.10 20.92 -0.37
CA HIS B 164 15.72 19.93 -1.25
C HIS B 164 15.28 20.12 -2.70
N THR B 165 16.16 19.72 -3.62
CA THR B 165 15.87 19.70 -5.05
C THR B 165 15.75 18.28 -5.59
N GLY B 166 15.24 17.36 -4.77
CA GLY B 166 15.06 15.98 -5.16
C GLY B 166 14.08 15.32 -4.22
N TYR B 167 13.60 14.15 -4.62
CA TYR B 167 12.58 13.45 -3.85
C TYR B 167 13.09 13.09 -2.46
N LEU B 168 12.20 13.14 -1.49
CA LEU B 168 12.53 12.81 -0.11
C LEU B 168 12.54 11.30 0.07
N SER B 169 13.66 10.74 0.52
CA SER B 169 13.76 9.30 0.71
C SER B 169 13.57 8.88 2.16
N CYS B 170 13.97 9.71 3.12
CA CYS B 170 13.85 9.37 4.52
C CYS B 170 13.81 10.66 5.35
N CYS B 171 13.34 10.52 6.59
CA CYS B 171 13.28 11.63 7.52
C CYS B 171 13.22 11.07 8.94
N ARG B 172 13.89 11.74 9.86
CA ARG B 172 13.98 11.25 11.24
C ARG B 172 13.98 12.44 12.20
N PHE B 173 13.06 12.41 13.16
CA PHE B 173 12.98 13.45 14.18
C PHE B 173 14.11 13.32 15.18
N LEU B 174 14.64 14.47 15.62
CA LEU B 174 15.52 14.54 16.79
C LEU B 174 14.75 14.92 18.04
N ASP B 175 13.99 16.00 17.96
CA ASP B 175 13.07 16.42 19.01
C ASP B 175 11.89 17.12 18.32
N ASP B 176 11.11 17.88 19.08
CA ASP B 176 9.95 18.54 18.51
C ASP B 176 10.32 19.67 17.56
N ASN B 177 11.60 20.08 17.51
CA ASN B 177 12.02 21.21 16.70
C ASN B 177 13.19 20.91 15.79
N GLN B 178 13.55 19.65 15.60
CA GLN B 178 14.68 19.28 14.76
C GLN B 178 14.36 18.01 13.99
N ILE B 179 14.82 17.94 12.75
CA ILE B 179 14.58 16.78 11.89
C ILE B 179 15.67 16.71 10.84
N VAL B 180 16.12 15.49 10.55
CA VAL B 180 17.09 15.23 9.48
C VAL B 180 16.36 14.57 8.33
N THR B 181 16.61 15.06 7.12
CA THR B 181 16.03 14.51 5.91
C THR B 181 17.14 14.14 4.93
N SER B 182 16.85 13.15 4.09
CA SER B 182 17.74 12.74 3.01
C SER B 182 16.97 12.81 1.70
N SER B 183 17.61 13.34 0.66
CA SER B 183 16.92 13.53 -0.60
C SER B 183 17.67 12.84 -1.73
N GLY B 184 16.94 12.63 -2.83
CA GLY B 184 17.52 12.00 -4.00
C GLY B 184 18.32 12.96 -4.85
N ASP B 185 18.98 13.92 -4.21
CA ASP B 185 19.87 14.84 -4.89
C ASP B 185 21.26 14.83 -4.27
N THR B 186 21.64 13.73 -3.62
CA THR B 186 22.93 13.57 -2.94
C THR B 186 23.09 14.61 -1.84
N THR B 187 22.11 14.68 -0.94
CA THR B 187 22.16 15.69 0.11
C THR B 187 21.26 15.28 1.28
N CYS B 188 21.81 15.39 2.48
CA CYS B 188 21.05 15.34 3.71
C CYS B 188 20.98 16.74 4.32
N ALA B 189 20.01 16.95 5.20
CA ALA B 189 19.82 18.28 5.77
C ALA B 189 19.21 18.19 7.16
N LEU B 190 19.77 18.96 8.09
CA LEU B 190 19.21 19.14 9.42
C LEU B 190 18.46 20.46 9.44
N TRP B 191 17.19 20.41 9.82
CA TRP B 191 16.26 21.53 9.72
C TRP B 191 15.95 22.12 11.09
N ASP B 192 15.41 23.33 11.07
CA ASP B 192 14.82 23.97 12.24
C ASP B 192 13.33 24.14 11.94
N ILE B 193 12.50 23.35 12.61
CA ILE B 193 11.09 23.27 12.23
C ILE B 193 10.38 24.60 12.53
N GLU B 194 10.76 25.27 13.62
CA GLU B 194 10.12 26.54 13.96
C GLU B 194 10.35 27.59 12.88
N THR B 195 11.58 27.69 12.38
CA THR B 195 11.90 28.65 11.33
C THR B 195 11.73 28.09 9.94
N GLY B 196 11.80 26.77 9.78
CA GLY B 196 11.67 26.18 8.45
C GLY B 196 12.88 26.34 7.58
N GLN B 197 14.05 26.59 8.16
CA GLN B 197 15.28 26.82 7.41
C GLN B 197 16.29 25.73 7.73
N GLN B 198 17.04 25.30 6.70
CA GLN B 198 18.07 24.30 6.87
C GLN B 198 19.16 24.78 7.83
N THR B 199 19.26 24.13 8.99
CA THR B 199 20.34 24.45 9.90
C THR B 199 21.69 23.98 9.37
N THR B 200 21.74 22.75 8.86
CA THR B 200 22.98 22.19 8.36
C THR B 200 22.71 21.36 7.12
N THR B 201 23.73 21.22 6.26
CA THR B 201 23.65 20.47 5.02
C THR B 201 24.82 19.51 4.91
N PHE B 202 24.54 18.28 4.48
CA PHE B 202 25.52 17.22 4.34
C PHE B 202 25.59 16.84 2.86
N THR B 203 26.73 17.10 2.23
CA THR B 203 26.90 17.08 0.78
C THR B 203 28.07 16.20 0.36
N GLY B 204 28.11 14.96 0.88
CA GLY B 204 29.20 14.07 0.54
C GLY B 204 28.88 13.04 -0.53
N HIS B 205 27.66 12.53 -0.55
CA HIS B 205 27.30 11.43 -1.44
C HIS B 205 27.33 11.87 -2.90
N THR B 206 27.50 10.89 -3.79
CA THR B 206 27.45 11.09 -5.23
C THR B 206 26.29 10.34 -5.88
N GLY B 207 25.32 9.89 -5.07
CA GLY B 207 24.14 9.23 -5.58
C GLY B 207 22.97 9.51 -4.68
N ASP B 208 21.78 9.14 -5.14
CA ASP B 208 20.57 9.38 -4.36
C ASP B 208 20.66 8.71 -3.01
N VAL B 209 20.55 9.49 -1.95
CA VAL B 209 20.54 8.95 -0.59
C VAL B 209 19.19 8.29 -0.34
N MET B 210 19.23 7.02 0.06
CA MET B 210 18.01 6.22 0.14
C MET B 210 17.49 6.03 1.56
N SER B 211 18.34 6.20 2.58
CA SER B 211 17.92 5.98 3.95
C SER B 211 18.90 6.65 4.91
N LEU B 212 18.49 6.73 6.16
CA LEU B 212 19.35 7.24 7.24
C LEU B 212 18.81 6.72 8.56
N SER B 213 19.73 6.45 9.49
CA SER B 213 19.38 5.96 10.82
C SER B 213 20.08 6.79 11.86
N LEU B 214 19.31 7.29 12.83
CA LEU B 214 19.87 8.14 13.89
C LEU B 214 20.51 7.30 14.97
N ALA B 215 21.64 7.79 15.49
CA ALA B 215 22.32 7.10 16.57
C ALA B 215 21.46 7.14 17.83
N PRO B 216 21.63 6.16 18.73
CA PRO B 216 20.82 6.15 19.96
C PRO B 216 20.94 7.42 20.78
N ASP B 217 22.12 8.04 20.81
CA ASP B 217 22.30 9.31 21.50
C ASP B 217 22.03 10.52 20.61
N THR B 218 21.72 10.28 19.32
CA THR B 218 21.37 11.34 18.38
C THR B 218 22.45 12.43 18.31
N ARG B 219 23.71 12.02 18.32
CA ARG B 219 24.82 12.92 18.06
C ARG B 219 25.51 12.62 16.74
N LEU B 220 25.21 11.48 16.12
CA LEU B 220 25.74 11.10 14.81
C LEU B 220 24.62 10.40 14.06
N PHE B 221 24.85 10.18 12.76
CA PHE B 221 23.96 9.30 12.01
C PHE B 221 24.71 8.77 10.80
N VAL B 222 24.07 7.87 10.07
CA VAL B 222 24.65 7.27 8.87
C VAL B 222 23.67 7.43 7.72
N SER B 223 24.22 7.50 6.51
CA SER B 223 23.39 7.61 5.30
C SER B 223 23.95 6.70 4.23
N GLY B 224 23.09 5.89 3.63
CA GLY B 224 23.45 5.03 2.51
C GLY B 224 22.81 5.58 1.25
N ALA B 225 23.55 5.52 0.14
CA ALA B 225 23.12 6.13 -1.11
C ALA B 225 23.34 5.17 -2.27
N CYS B 226 22.92 5.60 -3.45
CA CYS B 226 23.04 4.78 -4.66
C CYS B 226 24.42 4.92 -5.28
N ASP B 227 25.47 4.73 -4.47
CA ASP B 227 26.82 4.59 -5.00
C ASP B 227 27.61 3.54 -4.22
N ALA B 228 26.91 2.62 -3.56
CA ALA B 228 27.52 1.53 -2.80
C ALA B 228 28.41 2.04 -1.68
N SER B 229 28.07 3.20 -1.11
CA SER B 229 28.83 3.76 -0.01
C SER B 229 27.89 4.29 1.06
N ALA B 230 28.30 4.14 2.32
CA ALA B 230 27.61 4.73 3.45
C ALA B 230 28.54 5.72 4.13
N LYS B 231 27.98 6.77 4.69
CA LYS B 231 28.77 7.82 5.31
C LYS B 231 28.26 8.11 6.72
N LEU B 232 29.18 8.39 7.63
CA LEU B 232 28.86 8.69 9.03
C LEU B 232 29.02 10.19 9.25
N TRP B 233 27.90 10.87 9.49
CA TRP B 233 27.87 12.31 9.65
C TRP B 233 27.68 12.70 11.10
N ASP B 234 28.25 13.85 11.45
CA ASP B 234 28.12 14.47 12.77
C ASP B 234 27.10 15.61 12.66
N VAL B 235 25.98 15.48 13.37
CA VAL B 235 24.91 16.46 13.25
C VAL B 235 25.33 17.81 13.82
N ARG B 236 26.15 17.81 14.87
CA ARG B 236 26.51 19.06 15.53
C ARG B 236 27.49 19.90 14.74
N GLU B 237 28.30 19.28 13.86
CA GLU B 237 29.29 20.02 13.09
C GLU B 237 29.17 19.84 11.59
N GLY B 238 28.32 18.93 11.12
CA GLY B 238 27.99 18.84 9.71
C GLY B 238 29.10 18.44 8.77
N MET B 239 29.93 17.47 9.16
CA MET B 239 30.95 16.94 8.27
C MET B 239 31.00 15.43 8.38
N CYS B 240 31.36 14.77 7.28
CA CYS B 240 31.43 13.32 7.25
C CYS B 240 32.63 12.83 8.04
N ARG B 241 32.41 11.84 8.90
CA ARG B 241 33.48 11.26 9.70
C ARG B 241 34.17 10.10 8.98
N GLN B 242 33.40 9.10 8.57
CA GLN B 242 33.94 7.89 7.95
C GLN B 242 33.07 7.49 6.76
N THR B 243 33.68 6.77 5.84
CA THR B 243 32.98 6.23 4.68
C THR B 243 33.23 4.72 4.60
N PHE B 244 32.16 3.97 4.35
CA PHE B 244 32.20 2.51 4.28
C PHE B 244 31.72 2.07 2.92
N THR B 245 32.61 1.44 2.15
CA THR B 245 32.34 1.03 0.78
C THR B 245 32.61 -0.47 0.66
N GLY B 246 31.57 -1.29 0.84
CA GLY B 246 31.70 -2.72 0.71
C GLY B 246 30.74 -3.33 -0.29
N HIS B 247 29.61 -2.68 -0.52
CA HIS B 247 28.57 -3.20 -1.39
C HIS B 247 28.97 -3.06 -2.85
N GLU B 248 28.19 -3.69 -3.72
CA GLU B 248 28.41 -3.65 -5.17
C GLU B 248 27.32 -2.90 -5.91
N SER B 249 26.27 -2.44 -5.24
CA SER B 249 25.15 -1.80 -5.91
C SER B 249 24.48 -0.83 -4.93
N ASP B 250 23.34 -0.28 -5.35
CA ASP B 250 22.68 0.76 -4.57
C ASP B 250 22.18 0.23 -3.24
N ILE B 251 22.34 1.03 -2.19
CA ILE B 251 21.92 0.67 -0.84
C ILE B 251 20.55 1.26 -0.59
N ASN B 252 19.61 0.41 -0.15
CA ASN B 252 18.24 0.84 0.08
C ASN B 252 17.86 0.95 1.54
N ALA B 253 18.66 0.41 2.46
CA ALA B 253 18.28 0.39 3.86
C ALA B 253 19.51 0.50 4.75
N ILE B 254 19.29 0.94 5.98
CA ILE B 254 20.37 1.13 6.95
C ILE B 254 19.73 1.22 8.33
N CYS B 255 20.48 0.77 9.35
CA CYS B 255 19.99 0.78 10.72
C CYS B 255 21.17 0.64 11.66
N PHE B 256 21.10 1.34 12.79
CA PHE B 256 22.17 1.29 13.79
C PHE B 256 22.03 0.07 14.70
N PHE B 257 23.17 -0.46 15.11
CA PHE B 257 23.19 -1.51 16.12
C PHE B 257 22.69 -0.93 17.44
N PRO B 258 22.07 -1.76 18.30
CA PRO B 258 21.49 -1.22 19.54
C PRO B 258 22.48 -0.47 20.42
N ASN B 259 23.76 -0.81 20.41
CA ASN B 259 24.74 -0.07 21.19
C ASN B 259 25.31 1.13 20.44
N GLY B 260 24.97 1.30 19.17
CA GLY B 260 25.40 2.46 18.41
C GLY B 260 26.81 2.41 17.88
N ASN B 261 27.50 1.28 18.01
CA ASN B 261 28.88 1.14 17.55
C ASN B 261 28.99 0.35 16.25
N ALA B 262 27.87 0.07 15.58
CA ALA B 262 27.89 -0.67 14.34
C ALA B 262 26.60 -0.35 13.58
N PHE B 263 26.51 -0.85 12.35
CA PHE B 263 25.28 -0.71 11.57
C PHE B 263 25.24 -1.80 10.51
N ALA B 264 24.09 -1.91 9.85
CA ALA B 264 23.86 -2.91 8.82
C ALA B 264 23.22 -2.25 7.61
N THR B 265 23.56 -2.77 6.44
CA THR B 265 23.12 -2.21 5.17
C THR B 265 22.58 -3.29 4.25
N GLY B 266 21.51 -2.99 3.52
CA GLY B 266 20.98 -3.86 2.51
C GLY B 266 20.98 -3.16 1.16
N SER B 267 21.26 -3.91 0.11
CA SER B 267 21.51 -3.34 -1.21
C SER B 267 20.83 -4.17 -2.29
N ASP B 268 20.99 -3.73 -3.54
CA ASP B 268 20.35 -4.42 -4.66
C ASP B 268 20.88 -5.84 -4.83
N ASP B 269 22.19 -6.03 -4.71
CA ASP B 269 22.72 -7.38 -4.60
C ASP B 269 22.18 -8.03 -3.33
N ALA B 270 21.87 -9.32 -3.42
CA ALA B 270 21.18 -10.01 -2.33
C ALA B 270 22.14 -10.30 -1.17
N THR B 271 22.73 -9.22 -0.64
CA THR B 271 23.63 -9.30 0.50
C THR B 271 23.34 -8.16 1.46
N CYS B 272 23.24 -8.49 2.74
CA CYS B 272 23.33 -7.50 3.81
C CYS B 272 24.76 -7.51 4.34
N ARG B 273 25.16 -6.38 4.91
CA ARG B 273 26.52 -6.26 5.41
C ARG B 273 26.53 -5.53 6.74
N LEU B 274 27.44 -5.94 7.62
CA LEU B 274 27.59 -5.36 8.95
C LEU B 274 28.90 -4.59 9.00
N PHE B 275 28.82 -3.31 9.34
CA PHE B 275 29.98 -2.43 9.42
C PHE B 275 30.16 -1.95 10.86
N ASP B 276 31.41 -1.73 11.23
CA ASP B 276 31.78 -1.26 12.56
C ASP B 276 32.42 0.12 12.46
N LEU B 277 32.06 1.01 13.39
CA LEU B 277 32.57 2.37 13.36
C LEU B 277 33.93 2.52 14.03
N ARG B 278 34.34 1.56 14.85
CA ARG B 278 35.62 1.62 15.55
C ARG B 278 36.72 0.87 14.80
N ALA B 279 36.43 -0.36 14.35
CA ALA B 279 37.36 -1.05 13.46
C ALA B 279 37.37 -0.45 12.06
N ASP B 280 36.28 0.23 11.68
CA ASP B 280 36.21 0.99 10.43
C ASP B 280 36.32 0.08 9.21
N GLN B 281 35.58 -1.02 9.22
CA GLN B 281 35.57 -1.95 8.09
C GLN B 281 34.41 -2.91 8.26
N GLU B 282 34.08 -3.60 7.16
CA GLU B 282 32.99 -4.56 7.15
C GLU B 282 33.34 -5.79 7.98
N LEU B 283 32.35 -6.32 8.68
CA LEU B 283 32.54 -7.44 9.60
C LEU B 283 31.91 -8.74 9.14
N MET B 284 30.72 -8.70 8.56
CA MET B 284 30.02 -9.93 8.18
C MET B 284 29.08 -9.65 7.01
N THR B 285 28.93 -10.66 6.16
CA THR B 285 28.04 -10.61 5.01
C THR B 285 26.94 -11.66 5.18
N TYR B 286 25.70 -11.25 4.94
CA TYR B 286 24.53 -12.10 5.06
C TYR B 286 23.96 -12.29 3.66
N SER B 287 24.17 -13.47 3.09
CA SER B 287 23.73 -13.75 1.73
C SER B 287 23.53 -15.25 1.56
N HIS B 288 22.83 -15.62 0.49
CA HIS B 288 22.62 -17.01 0.14
C HIS B 288 22.45 -17.12 -1.36
N ASP B 289 22.70 -18.33 -1.88
CA ASP B 289 22.66 -18.54 -3.33
C ASP B 289 21.23 -18.43 -3.86
N ASN B 290 20.25 -18.93 -3.12
CA ASN B 290 18.87 -18.89 -3.59
C ASN B 290 18.34 -17.46 -3.68
N ILE B 291 18.80 -16.58 -2.81
CA ILE B 291 18.34 -15.19 -2.82
C ILE B 291 19.12 -14.43 -3.88
N ILE B 292 18.40 -13.89 -4.87
CA ILE B 292 19.01 -13.07 -5.91
C ILE B 292 18.31 -11.73 -6.09
N CYS B 293 17.29 -11.43 -5.28
CA CYS B 293 16.58 -10.17 -5.37
C CYS B 293 17.29 -9.11 -4.51
N GLY B 294 16.65 -7.97 -4.30
CA GLY B 294 17.23 -6.87 -3.56
C GLY B 294 16.56 -6.67 -2.22
N ILE B 295 17.31 -6.20 -1.24
CA ILE B 295 16.79 -5.90 0.09
C ILE B 295 16.27 -4.47 0.10
N THR B 296 15.14 -4.27 0.78
CA THR B 296 14.48 -2.97 0.85
C THR B 296 14.34 -2.43 2.26
N SER B 297 14.62 -3.22 3.29
CA SER B 297 14.44 -2.78 4.67
C SER B 297 15.16 -3.71 5.63
N VAL B 298 15.90 -3.13 6.59
CA VAL B 298 16.62 -3.91 7.60
C VAL B 298 16.28 -3.38 8.98
N SER B 299 16.41 -4.25 9.97
CA SER B 299 16.20 -3.88 11.37
C SER B 299 16.86 -4.91 12.27
N PHE B 300 17.14 -4.50 13.50
CA PHE B 300 17.71 -5.35 14.52
C PHE B 300 16.67 -5.62 15.61
N SER B 301 16.80 -6.78 16.26
CA SER B 301 15.98 -7.04 17.43
C SER B 301 16.53 -6.24 18.61
N LYS B 302 15.83 -6.33 19.76
CA LYS B 302 16.20 -5.49 20.89
C LYS B 302 17.59 -5.81 21.41
N SER B 303 17.94 -7.09 21.48
CA SER B 303 19.29 -7.48 21.89
C SER B 303 20.30 -7.30 20.78
N GLY B 304 19.86 -7.15 19.53
CA GLY B 304 20.77 -6.95 18.43
C GLY B 304 21.37 -8.20 17.85
N ARG B 305 20.72 -9.36 18.00
CA ARG B 305 21.25 -10.59 17.43
C ARG B 305 20.51 -11.06 16.19
N LEU B 306 19.30 -10.56 15.94
CA LEU B 306 18.54 -10.92 14.75
C LEU B 306 18.49 -9.74 13.80
N LEU B 307 18.86 -9.97 12.55
CA LEU B 307 18.77 -8.97 11.50
C LEU B 307 17.59 -9.34 10.61
N LEU B 308 16.62 -8.44 10.51
CA LEU B 308 15.39 -8.68 9.76
C LEU B 308 15.50 -7.93 8.44
N ALA B 309 15.58 -8.67 7.34
CA ALA B 309 15.76 -8.07 6.02
C ALA B 309 14.56 -8.36 5.16
N GLY B 310 13.95 -7.31 4.61
CA GLY B 310 12.83 -7.47 3.70
C GLY B 310 13.31 -7.51 2.26
N TYR B 311 12.71 -8.41 1.47
CA TYR B 311 13.16 -8.69 0.12
C TYR B 311 12.05 -8.40 -0.88
N ASP B 312 12.43 -8.36 -2.16
CA ASP B 312 11.48 -8.16 -3.25
C ASP B 312 10.82 -9.46 -3.70
N ASP B 313 11.26 -10.62 -3.18
CA ASP B 313 10.60 -11.88 -3.47
C ASP B 313 9.39 -12.12 -2.57
N PHE B 314 8.84 -11.05 -2.00
CA PHE B 314 7.64 -11.03 -1.16
C PHE B 314 7.89 -11.60 0.22
N ASN B 315 9.14 -11.83 0.60
CA ASN B 315 9.49 -12.51 1.83
C ASN B 315 10.28 -11.58 2.75
N CYS B 316 10.58 -12.10 3.94
CA CYS B 316 11.44 -11.43 4.91
C CYS B 316 12.26 -12.49 5.61
N ASN B 317 13.54 -12.19 5.84
CA ASN B 317 14.49 -13.16 6.36
C ASN B 317 15.02 -12.70 7.70
N VAL B 318 14.99 -13.60 8.68
CA VAL B 318 15.57 -13.38 10.00
C VAL B 318 16.93 -14.06 10.01
N TRP B 319 17.99 -13.26 9.98
CA TRP B 319 19.36 -13.74 10.00
C TRP B 319 19.90 -13.68 11.43
N ASP B 320 20.69 -14.67 11.80
CA ASP B 320 21.51 -14.57 13.00
C ASP B 320 22.62 -13.57 12.73
N ALA B 321 22.54 -12.39 13.35
CA ALA B 321 23.51 -11.34 13.06
C ALA B 321 24.93 -11.78 13.36
N LEU B 322 25.10 -12.65 14.36
CA LEU B 322 26.33 -13.40 14.54
C LEU B 322 26.21 -14.73 13.82
N LYS B 323 27.34 -15.21 13.28
CA LYS B 323 27.42 -16.50 12.59
C LYS B 323 26.72 -16.47 11.23
N ALA B 324 26.03 -15.38 10.92
CA ALA B 324 25.42 -15.11 9.62
C ALA B 324 24.42 -16.18 9.18
N ASP B 325 24.04 -17.10 10.07
CA ASP B 325 23.12 -18.16 9.70
C ASP B 325 21.72 -17.60 9.49
N ARG B 326 20.99 -18.17 8.54
CA ARG B 326 19.61 -17.79 8.29
C ARG B 326 18.71 -18.53 9.27
N ALA B 327 18.00 -17.77 10.11
CA ALA B 327 17.21 -18.36 11.20
C ALA B 327 15.74 -18.52 10.87
N GLY B 328 15.18 -17.64 10.05
CA GLY B 328 13.75 -17.78 9.79
C GLY B 328 13.28 -17.00 8.58
N VAL B 329 12.02 -17.23 8.23
CA VAL B 329 11.38 -16.57 7.10
C VAL B 329 9.99 -16.11 7.53
N LEU B 330 9.62 -14.90 7.13
CA LEU B 330 8.28 -14.35 7.38
C LEU B 330 7.57 -14.22 6.03
N ALA B 331 6.92 -15.30 5.60
CA ALA B 331 6.25 -15.35 4.30
C ALA B 331 4.75 -15.22 4.50
N GLY B 332 4.26 -13.98 4.41
CA GLY B 332 2.84 -13.74 4.55
C GLY B 332 2.30 -12.62 3.68
N HIS B 333 3.11 -12.08 2.79
CA HIS B 333 2.73 -10.96 1.95
C HIS B 333 2.60 -11.40 0.51
N ASP B 334 1.63 -10.82 -0.20
CA ASP B 334 1.36 -11.15 -1.59
C ASP B 334 2.09 -10.26 -2.57
N ASN B 335 2.88 -9.30 -2.10
CA ASN B 335 3.63 -8.42 -2.98
C ASN B 335 4.92 -8.00 -2.28
N ARG B 336 5.71 -7.20 -2.97
CA ARG B 336 7.04 -6.84 -2.49
C ARG B 336 6.96 -6.11 -1.16
N VAL B 337 7.84 -6.50 -0.23
CA VAL B 337 7.90 -5.87 1.08
C VAL B 337 8.74 -4.61 0.99
N SER B 338 8.16 -3.49 1.42
CA SER B 338 8.80 -2.18 1.28
C SER B 338 9.31 -1.61 2.61
N CYS B 339 8.59 -1.80 3.71
CA CYS B 339 8.94 -1.20 4.98
C CYS B 339 8.89 -2.24 6.09
N LEU B 340 9.78 -2.09 7.06
CA LEU B 340 9.94 -3.04 8.15
C LEU B 340 10.40 -2.30 9.39
N GLY B 341 9.75 -2.58 10.52
CA GLY B 341 10.10 -1.92 11.77
C GLY B 341 9.91 -2.85 12.95
N VAL B 342 10.60 -2.52 14.03
CA VAL B 342 10.59 -3.33 15.25
C VAL B 342 10.17 -2.47 16.43
N THR B 343 9.28 -3.01 17.26
CA THR B 343 8.80 -2.33 18.44
C THR B 343 9.96 -2.03 19.40
N ASP B 344 9.91 -0.85 20.04
CA ASP B 344 10.96 -0.47 20.99
C ASP B 344 11.06 -1.46 22.14
N ASP B 345 9.94 -2.08 22.54
CA ASP B 345 9.98 -3.15 23.52
C ASP B 345 10.65 -4.40 22.97
N GLY B 346 10.79 -4.52 21.65
CA GLY B 346 11.26 -5.73 21.05
C GLY B 346 10.23 -6.83 20.99
N MET B 347 8.95 -6.50 21.09
CA MET B 347 7.90 -7.49 21.20
C MET B 347 7.29 -7.91 19.87
N ALA B 348 7.27 -7.03 18.88
CA ALA B 348 6.61 -7.32 17.61
C ALA B 348 7.37 -6.69 16.46
N VAL B 349 7.12 -7.21 15.26
CA VAL B 349 7.72 -6.70 14.03
C VAL B 349 6.59 -6.32 13.08
N ALA B 350 6.58 -5.08 12.62
CA ALA B 350 5.58 -4.62 11.68
C ALA B 350 6.18 -4.57 10.28
N THR B 351 5.55 -5.26 9.34
CA THR B 351 6.01 -5.31 7.96
C THR B 351 4.91 -4.81 7.04
N GLY B 352 5.22 -3.82 6.23
CA GLY B 352 4.33 -3.35 5.20
C GLY B 352 4.75 -3.88 3.84
N SER B 353 3.86 -3.79 2.87
CA SER B 353 4.13 -4.34 1.55
C SER B 353 3.34 -3.57 0.50
N TRP B 354 3.64 -3.87 -0.75
CA TRP B 354 3.00 -3.20 -1.88
C TRP B 354 1.59 -3.70 -2.15
N ASP B 355 1.14 -4.72 -1.43
CA ASP B 355 -0.23 -5.21 -1.53
C ASP B 355 -1.18 -4.50 -0.56
N SER B 356 -0.82 -3.30 -0.11
CA SER B 356 -1.64 -2.43 0.73
C SER B 356 -2.00 -3.07 2.07
N PHE B 357 -1.21 -4.03 2.55
CA PHE B 357 -1.45 -4.65 3.84
C PHE B 357 -0.23 -4.49 4.73
N LEU B 358 -0.48 -4.40 6.03
CA LEU B 358 0.57 -4.27 7.04
C LEU B 358 0.32 -5.30 8.11
N LYS B 359 1.33 -6.08 8.45
CA LYS B 359 1.18 -7.23 9.34
C LYS B 359 2.12 -7.12 10.52
N ILE B 360 1.60 -7.44 11.70
CA ILE B 360 2.39 -7.50 12.93
C ILE B 360 2.70 -8.96 13.21
N TRP B 361 3.96 -9.25 13.52
CA TRP B 361 4.45 -10.60 13.75
C TRP B 361 5.02 -10.69 15.16
N ASN B 362 4.72 -11.79 15.85
CA ASN B 362 5.18 -12.02 17.20
C ASN B 362 5.56 -13.48 17.35
N GLY B 363 6.44 -13.76 18.31
CA GLY B 363 6.88 -15.11 18.57
C GLY B 363 5.84 -15.92 19.33
N SER B 364 6.15 -17.20 19.51
CA SER B 364 5.30 -18.11 20.26
C SER B 364 6.15 -18.89 21.25
N SER B 365 5.65 -19.00 22.48
CA SER B 365 6.37 -19.72 23.53
C SER B 365 5.98 -21.19 23.56
N ASP C 1 -11.11 31.66 20.77
CA ASP C 1 -10.80 30.32 20.29
C ASP C 1 -12.02 29.42 20.40
N VAL C 2 -11.87 28.31 21.13
CA VAL C 2 -12.96 27.37 21.32
C VAL C 2 -14.05 28.04 22.14
N GLN C 3 -15.31 27.84 21.72
CA GLN C 3 -16.42 28.53 22.36
C GLN C 3 -17.69 27.69 22.21
N LEU C 4 -18.39 27.48 23.33
CA LEU C 4 -19.71 26.86 23.35
C LEU C 4 -20.66 27.81 24.05
N VAL C 5 -21.73 28.21 23.37
CA VAL C 5 -22.67 29.20 23.89
C VAL C 5 -24.05 28.55 23.95
N GLU C 6 -24.67 28.59 25.13
CA GLU C 6 -25.97 27.98 25.35
C GLU C 6 -27.06 29.04 25.36
N SER C 7 -28.23 28.66 24.86
CA SER C 7 -29.37 29.57 24.77
C SER C 7 -30.66 28.76 24.86
N GLY C 8 -31.75 29.46 25.18
CA GLY C 8 -33.06 28.86 25.26
C GLY C 8 -33.62 28.71 26.66
N GLY C 9 -32.93 29.19 27.69
CA GLY C 9 -33.44 29.06 29.03
C GLY C 9 -34.42 30.17 29.40
N GLY C 10 -35.14 29.94 30.50
CA GLY C 10 -36.10 30.92 30.97
C GLY C 10 -36.98 30.40 32.10
N LEU C 11 -38.26 30.76 32.08
CA LEU C 11 -39.22 30.31 33.09
C LEU C 11 -40.36 29.60 32.39
N VAL C 12 -40.62 28.36 32.80
CA VAL C 12 -41.64 27.51 32.19
C VAL C 12 -42.55 26.97 33.28
N GLN C 13 -43.84 26.85 32.96
CA GLN C 13 -44.79 26.23 33.88
C GLN C 13 -44.61 24.71 33.85
N PRO C 14 -44.97 24.03 34.94
CA PRO C 14 -44.86 22.57 34.95
C PRO C 14 -45.71 21.94 33.86
N GLY C 15 -45.21 20.85 33.29
CA GLY C 15 -45.90 20.16 32.23
C GLY C 15 -45.76 20.78 30.86
N GLY C 16 -44.91 21.78 30.71
CA GLY C 16 -44.70 22.45 29.44
C GLY C 16 -43.64 21.79 28.59
N SER C 17 -43.00 22.59 27.75
CA SER C 17 -41.94 22.10 26.88
C SER C 17 -40.96 23.24 26.63
N ARG C 18 -39.69 22.88 26.43
CA ARG C 18 -38.65 23.88 26.24
C ARG C 18 -37.45 23.25 25.54
N LYS C 19 -36.83 24.00 24.64
CA LYS C 19 -35.69 23.54 23.87
C LYS C 19 -34.47 24.38 24.20
N LEU C 20 -33.35 23.72 24.46
CA LEU C 20 -32.07 24.37 24.71
C LEU C 20 -31.13 24.08 23.54
N SER C 21 -30.30 25.07 23.20
CA SER C 21 -29.36 24.94 22.11
C SER C 21 -27.96 25.32 22.56
N CYS C 22 -26.97 24.64 21.98
CA CYS C 22 -25.56 24.84 22.25
C CYS C 22 -24.86 25.05 20.91
N SER C 23 -24.38 26.27 20.68
CA SER C 23 -23.69 26.63 19.44
C SER C 23 -22.18 26.59 19.68
N ALA C 24 -21.47 25.90 18.79
CA ALA C 24 -20.05 25.66 18.93
C ALA C 24 -19.28 26.40 17.83
N SER C 25 -18.21 27.09 18.23
CA SER C 25 -17.36 27.81 17.29
C SER C 25 -15.91 27.58 17.67
N GLY C 26 -15.05 27.45 16.66
CA GLY C 26 -13.62 27.36 16.89
C GLY C 26 -13.03 25.97 16.94
N PHE C 27 -13.82 24.92 16.70
CA PHE C 27 -13.29 23.57 16.68
C PHE C 27 -14.19 22.70 15.81
N ALA C 28 -13.68 21.51 15.47
CA ALA C 28 -14.40 20.57 14.62
C ALA C 28 -15.55 19.95 15.43
N PHE C 29 -16.75 20.52 15.28
CA PHE C 29 -17.88 20.08 16.06
C PHE C 29 -18.29 18.65 15.74
N SER C 30 -18.04 18.18 14.52
CA SER C 30 -18.52 16.88 14.08
C SER C 30 -17.65 15.72 14.56
N SER C 31 -16.49 16.00 15.16
CA SER C 31 -15.59 14.96 15.64
C SER C 31 -15.74 14.68 17.13
N PHE C 32 -16.64 15.38 17.83
CA PHE C 32 -16.77 15.29 19.27
C PHE C 32 -18.15 14.77 19.64
N GLY C 33 -18.18 13.74 20.49
CA GLY C 33 -19.41 13.42 21.18
C GLY C 33 -19.79 14.52 22.15
N MET C 34 -21.09 14.70 22.37
CA MET C 34 -21.56 15.86 23.10
C MET C 34 -22.48 15.46 24.24
N HIS C 35 -22.30 16.11 25.39
CA HIS C 35 -23.06 15.82 26.59
C HIS C 35 -23.83 17.06 27.03
N TRP C 36 -25.00 16.81 27.62
CA TRP C 36 -25.74 17.80 28.38
C TRP C 36 -25.67 17.39 29.85
N VAL C 37 -25.16 18.29 30.69
CA VAL C 37 -24.99 18.05 32.12
C VAL C 37 -25.65 19.20 32.87
N ARG C 38 -26.54 18.88 33.81
CA ARG C 38 -27.25 19.92 34.55
C ARG C 38 -26.79 19.95 36.00
N GLN C 39 -26.68 21.16 36.54
CA GLN C 39 -26.35 21.39 37.94
C GLN C 39 -27.52 22.08 38.60
N ALA C 40 -28.03 21.49 39.68
CA ALA C 40 -29.13 22.04 40.46
C ALA C 40 -28.74 23.40 41.01
N PRO C 41 -29.67 24.22 41.51
CA PRO C 41 -29.28 25.55 42.01
C PRO C 41 -28.16 25.52 43.04
N GLU C 42 -28.17 24.56 43.96
CA GLU C 42 -27.08 24.45 44.93
C GLU C 42 -26.73 23.00 45.25
N LYS C 43 -27.01 22.07 44.33
CA LYS C 43 -26.89 20.64 44.65
C LYS C 43 -26.03 19.92 43.62
N GLY C 44 -24.92 20.51 43.22
CA GLY C 44 -23.90 19.80 42.46
C GLY C 44 -24.28 19.40 41.05
N LEU C 45 -23.30 18.90 40.30
CA LEU C 45 -23.50 18.52 38.91
C LEU C 45 -24.27 17.21 38.80
N GLU C 46 -24.92 17.02 37.65
CA GLU C 46 -25.65 15.79 37.37
C GLU C 46 -25.73 15.60 35.86
N TRP C 47 -25.31 14.43 35.39
CA TRP C 47 -25.34 14.12 33.96
C TRP C 47 -26.77 13.98 33.47
N VAL C 48 -27.02 14.43 32.23
CA VAL C 48 -28.36 14.39 31.67
C VAL C 48 -28.41 13.51 30.43
N ALA C 49 -27.63 13.86 29.41
CA ALA C 49 -27.76 13.14 28.14
C ALA C 49 -26.44 13.16 27.38
N TYR C 50 -26.32 12.23 26.42
CA TYR C 50 -25.12 12.11 25.61
C TYR C 50 -25.51 11.68 24.19
N ILE C 51 -24.87 12.29 23.20
CA ILE C 51 -25.04 11.91 21.80
C ILE C 51 -23.64 11.72 21.20
N SER C 52 -23.53 10.76 20.29
CA SER C 52 -22.25 10.31 19.79
C SER C 52 -21.71 11.27 18.73
N SER C 53 -20.57 10.91 18.13
CA SER C 53 -19.96 11.76 17.12
C SER C 53 -20.75 11.75 15.82
N GLY C 54 -21.17 10.58 15.37
CA GLY C 54 -21.99 10.48 14.17
C GLY C 54 -23.45 10.37 14.50
N SER C 55 -23.81 10.70 15.74
CA SER C 55 -25.19 10.62 16.23
C SER C 55 -25.74 9.21 16.08
N GLY C 56 -24.89 8.21 16.30
CA GLY C 56 -25.29 6.83 16.18
C GLY C 56 -25.58 6.16 17.51
N THR C 57 -25.07 6.74 18.59
CA THR C 57 -25.27 6.22 19.94
C THR C 57 -25.75 7.35 20.83
N ILE C 58 -26.88 7.12 21.50
CA ILE C 58 -27.53 8.14 22.31
C ILE C 58 -27.88 7.53 23.66
N TYR C 59 -27.57 8.24 24.74
CA TYR C 59 -27.84 7.80 26.10
C TYR C 59 -28.56 8.89 26.87
N TYR C 60 -29.53 8.49 27.69
CA TYR C 60 -30.26 9.40 28.56
C TYR C 60 -30.19 8.90 30.00
N ALA C 61 -30.22 9.83 30.94
CA ALA C 61 -30.37 9.48 32.33
C ALA C 61 -31.78 8.97 32.58
N ASP C 62 -31.90 8.01 33.50
CA ASP C 62 -33.21 7.43 33.79
C ASP C 62 -34.18 8.43 34.38
N THR C 63 -33.68 9.53 34.94
CA THR C 63 -34.57 10.57 35.45
C THR C 63 -35.24 11.33 34.32
N VAL C 64 -34.56 11.48 33.19
CA VAL C 64 -35.07 12.25 32.06
C VAL C 64 -35.44 11.39 30.87
N LYS C 65 -35.25 10.07 30.96
CA LYS C 65 -35.56 9.19 29.84
C LYS C 65 -37.05 9.18 29.57
N GLY C 66 -37.43 9.30 28.30
CA GLY C 66 -38.81 9.37 27.90
C GLY C 66 -39.37 10.77 27.79
N ARG C 67 -38.72 11.76 28.41
CA ARG C 67 -39.12 13.16 28.33
C ARG C 67 -38.19 13.98 27.47
N PHE C 68 -36.88 13.91 27.72
CA PHE C 68 -35.90 14.69 26.99
C PHE C 68 -35.44 13.94 25.73
N THR C 69 -34.91 14.70 24.79
CA THR C 69 -34.36 14.15 23.56
C THR C 69 -33.20 15.02 23.10
N ILE C 70 -32.07 14.40 22.79
CA ILE C 70 -30.87 15.11 22.37
C ILE C 70 -30.69 14.91 20.87
N SER C 71 -30.42 16.00 20.16
CA SER C 71 -30.24 15.97 18.72
C SER C 71 -29.07 16.88 18.33
N ARG C 72 -28.68 16.81 17.07
CA ARG C 72 -27.42 17.40 16.62
C ARG C 72 -27.55 17.87 15.18
N ASP C 73 -27.30 19.15 14.94
CA ASP C 73 -27.25 19.73 13.59
C ASP C 73 -25.78 20.00 13.27
N ASP C 74 -25.18 19.11 12.48
CA ASP C 74 -23.74 19.21 12.22
C ASP C 74 -23.39 20.33 11.25
N PRO C 75 -24.07 20.49 10.11
CA PRO C 75 -23.71 21.61 9.23
C PRO C 75 -23.84 22.97 9.89
N LYS C 76 -24.80 23.15 10.79
CA LYS C 76 -24.99 24.43 11.47
C LYS C 76 -24.27 24.49 12.81
N ASN C 77 -23.60 23.42 13.22
CA ASN C 77 -22.82 23.36 14.47
C ASN C 77 -23.69 23.72 15.67
N THR C 78 -24.74 22.92 15.88
CA THR C 78 -25.64 23.16 17.00
C THR C 78 -26.02 21.83 17.65
N LEU C 79 -26.23 21.88 18.96
CA LEU C 79 -26.66 20.74 19.75
C LEU C 79 -27.97 21.10 20.44
N PHE C 80 -28.98 20.25 20.32
CA PHE C 80 -30.31 20.55 20.85
C PHE C 80 -30.70 19.56 21.93
N LEU C 81 -31.38 20.08 22.95
CA LEU C 81 -32.05 19.28 23.97
C LEU C 81 -33.50 19.72 24.05
N GLN C 82 -34.41 18.83 23.68
CA GLN C 82 -35.84 19.10 23.75
C GLN C 82 -36.40 18.44 25.01
N MET C 83 -37.02 19.24 25.86
CA MET C 83 -37.57 18.76 27.12
C MET C 83 -39.09 18.88 27.10
N THR C 84 -39.76 17.76 27.37
CA THR C 84 -41.21 17.65 27.33
C THR C 84 -41.70 17.22 28.71
N SER C 85 -42.82 17.80 29.15
CA SER C 85 -43.41 17.52 30.46
C SER C 85 -42.43 17.88 31.57
N LEU C 86 -42.07 19.17 31.60
CA LEU C 86 -41.11 19.67 32.57
C LEU C 86 -41.67 19.57 33.98
N ARG C 87 -40.97 18.85 34.86
CA ARG C 87 -41.35 18.77 36.25
C ARG C 87 -40.80 19.99 37.00
N SER C 88 -40.99 20.00 38.32
CA SER C 88 -40.41 21.04 39.15
C SER C 88 -38.98 20.75 39.56
N GLU C 89 -38.48 19.55 39.26
CA GLU C 89 -37.11 19.17 39.56
C GLU C 89 -36.16 19.39 38.40
N ASP C 90 -36.65 19.93 37.28
CA ASP C 90 -35.84 20.19 36.11
C ASP C 90 -35.27 21.61 36.08
N THR C 91 -35.51 22.40 37.12
CA THR C 91 -34.90 23.72 37.23
C THR C 91 -33.43 23.60 37.63
N ALA C 92 -32.55 24.10 36.78
CA ALA C 92 -31.11 23.91 36.95
C ALA C 92 -30.39 24.71 35.88
N MET C 93 -29.05 24.68 35.94
CA MET C 93 -28.20 25.27 34.91
C MET C 93 -27.64 24.16 34.04
N TYR C 94 -27.82 24.27 32.73
CA TYR C 94 -27.44 23.23 31.79
C TYR C 94 -26.16 23.63 31.06
N TYR C 95 -25.22 22.68 30.97
CA TYR C 95 -23.94 22.84 30.31
C TYR C 95 -23.83 21.85 29.17
N CYS C 96 -23.17 22.27 28.10
CA CYS C 96 -22.93 21.48 26.91
C CYS C 96 -21.43 21.20 26.82
N VAL C 97 -21.06 19.92 26.77
CA VAL C 97 -19.70 19.47 27.02
C VAL C 97 -19.20 18.64 25.85
N ARG C 98 -17.95 18.85 25.45
CA ARG C 98 -17.30 18.04 24.44
C ARG C 98 -16.76 16.75 25.07
N SER C 99 -16.55 15.74 24.21
CA SER C 99 -15.81 14.54 24.59
C SER C 99 -15.36 13.86 23.30
N ILE C 100 -14.07 13.81 23.06
CA ILE C 100 -13.51 13.08 21.92
C ILE C 100 -12.86 11.81 22.46
N TYR C 101 -13.08 10.70 21.76
CA TYR C 101 -12.64 9.39 22.21
C TYR C 101 -11.75 8.75 21.16
N TYR C 102 -10.47 8.60 21.48
CA TYR C 102 -9.56 7.69 20.82
C TYR C 102 -8.58 7.21 21.89
N TYR C 103 -7.44 6.65 21.46
CA TYR C 103 -6.57 5.95 22.39
C TYR C 103 -6.12 6.85 23.54
N GLY C 104 -5.59 8.02 23.22
CA GLY C 104 -5.05 8.89 24.25
C GLY C 104 -5.74 10.23 24.38
N SER C 105 -7.06 10.25 24.16
CA SER C 105 -7.81 11.49 24.14
C SER C 105 -8.08 11.99 25.57
N SER C 106 -8.70 13.16 25.65
CA SER C 106 -9.02 13.82 26.92
C SER C 106 -10.49 14.22 26.93
N PRO C 107 -11.39 13.28 27.26
CA PRO C 107 -12.81 13.61 27.29
C PRO C 107 -13.14 14.64 28.36
N PHE C 108 -14.23 15.38 28.12
CA PHE C 108 -14.75 16.38 29.04
C PHE C 108 -13.78 17.55 29.24
N ASP C 109 -13.02 17.88 28.19
CA ASP C 109 -11.98 18.90 28.33
C ASP C 109 -12.55 20.31 28.43
N PHE C 110 -13.50 20.66 27.58
CA PHE C 110 -14.07 22.00 27.54
C PHE C 110 -15.56 21.95 27.80
N TRP C 111 -16.04 22.78 28.73
CA TRP C 111 -17.43 22.84 29.11
C TRP C 111 -18.06 24.12 28.57
N GLY C 112 -19.36 24.05 28.30
CA GLY C 112 -20.09 25.20 27.82
C GLY C 112 -20.29 26.24 28.90
N GLN C 113 -20.98 27.32 28.52
CA GLN C 113 -21.19 28.42 29.45
C GLN C 113 -22.38 28.16 30.38
N GLY C 114 -23.42 27.48 29.90
CA GLY C 114 -24.55 27.13 30.74
C GLY C 114 -25.72 28.08 30.63
N THR C 115 -26.93 27.53 30.54
CA THR C 115 -28.15 28.33 30.52
C THR C 115 -29.07 27.87 31.64
N THR C 116 -29.68 28.82 32.33
CA THR C 116 -30.52 28.51 33.47
C THR C 116 -31.95 28.24 33.05
N LEU C 117 -32.64 27.43 33.84
CA LEU C 117 -34.04 27.11 33.62
C LEU C 117 -34.74 27.01 34.96
N THR C 118 -35.87 27.69 35.09
CA THR C 118 -36.66 27.69 36.32
C THR C 118 -38.08 27.27 36.00
N VAL C 119 -38.59 26.28 36.74
CA VAL C 119 -39.96 25.82 36.62
C VAL C 119 -40.70 26.26 37.88
N SER C 120 -41.73 27.08 37.71
CA SER C 120 -42.45 27.63 38.84
C SER C 120 -43.27 26.57 39.56
N SER C 121 -43.62 26.86 40.81
CA SER C 121 -44.41 25.96 41.65
C SER C 121 -43.76 24.59 41.78
N GLY C 134 -30.61 3.69 38.25
CA GLY C 134 -30.91 3.70 39.67
C GLY C 134 -30.50 2.43 40.38
N GLY C 135 -30.93 1.28 39.82
CA GLY C 135 -30.58 0.01 40.44
C GLY C 135 -29.09 -0.28 40.39
N SER C 136 -28.47 -0.05 39.23
CA SER C 136 -27.03 -0.29 39.05
C SER C 136 -26.37 1.06 38.75
N ASP C 137 -26.02 1.79 39.81
CA ASP C 137 -25.32 3.06 39.70
C ASP C 137 -24.07 3.00 40.58
N ILE C 138 -22.96 3.47 40.05
CA ILE C 138 -21.71 3.50 40.81
C ILE C 138 -21.75 4.71 41.73
N VAL C 139 -22.21 4.51 42.96
CA VAL C 139 -22.33 5.61 43.91
C VAL C 139 -20.93 6.07 44.31
N MET C 140 -20.67 7.36 44.19
CA MET C 140 -19.37 7.93 44.48
C MET C 140 -19.53 8.95 45.60
N THR C 141 -18.69 8.84 46.63
CA THR C 141 -18.83 9.62 47.85
C THR C 141 -17.62 10.52 48.04
N GLN C 142 -17.88 11.79 48.36
CA GLN C 142 -16.84 12.74 48.76
C GLN C 142 -17.22 13.21 50.16
N ALA C 143 -16.70 12.51 51.17
CA ALA C 143 -17.14 12.72 52.54
C ALA C 143 -16.83 14.12 53.03
N THR C 144 -15.64 14.63 52.72
CA THR C 144 -15.24 15.96 53.15
C THR C 144 -15.90 16.99 52.24
N SER C 145 -16.92 17.68 52.75
CA SER C 145 -17.66 18.67 51.99
C SER C 145 -17.23 20.10 52.27
N SER C 146 -16.22 20.30 53.11
CA SER C 146 -15.74 21.64 53.43
C SER C 146 -14.36 21.54 54.04
N VAL C 147 -13.39 22.27 53.49
CA VAL C 147 -12.02 22.27 53.98
C VAL C 147 -11.51 23.70 54.07
N PRO C 148 -11.04 24.16 55.23
CA PRO C 148 -10.45 25.50 55.32
C PRO C 148 -8.99 25.50 54.91
N VAL C 149 -8.61 26.37 53.97
CA VAL C 149 -7.27 26.37 53.40
C VAL C 149 -6.69 27.78 53.43
N THR C 150 -5.36 27.83 53.38
CA THR C 150 -4.60 29.07 53.26
C THR C 150 -3.60 28.91 52.14
N PRO C 151 -3.25 30.01 51.45
CA PRO C 151 -2.31 29.90 50.33
C PRO C 151 -0.95 29.40 50.78
N GLY C 152 -0.31 28.61 49.91
CA GLY C 152 1.01 28.09 50.16
C GLY C 152 1.06 26.74 50.85
N GLU C 153 -0.08 26.17 51.23
CA GLU C 153 -0.12 24.90 51.94
C GLU C 153 -0.80 23.84 51.06
N SER C 154 -0.27 22.63 51.11
CA SER C 154 -0.80 21.53 50.32
C SER C 154 -2.15 21.07 50.86
N VAL C 155 -3.03 20.65 49.94
CA VAL C 155 -4.37 20.18 50.27
C VAL C 155 -4.60 18.85 49.58
N SER C 156 -5.41 18.00 50.21
CA SER C 156 -5.74 16.68 49.67
C SER C 156 -7.25 16.49 49.72
N ILE C 157 -7.82 16.04 48.61
CA ILE C 157 -9.25 15.77 48.49
C ILE C 157 -9.42 14.29 48.18
N SER C 158 -10.31 13.62 48.92
CA SER C 158 -10.48 12.18 48.82
C SER C 158 -11.80 11.84 48.13
N CYS C 159 -11.78 10.79 47.32
CA CYS C 159 -12.96 10.28 46.64
C CYS C 159 -13.02 8.78 46.80
N ARG C 160 -14.24 8.24 46.75
CA ARG C 160 -14.44 6.80 46.92
C ARG C 160 -15.71 6.39 46.20
N SER C 161 -15.64 5.30 45.45
CA SER C 161 -16.77 4.76 44.71
C SER C 161 -17.25 3.46 45.34
N SER C 162 -18.23 2.84 44.71
CA SER C 162 -18.73 1.53 45.13
C SER C 162 -18.03 0.40 44.38
N LYS C 163 -18.14 0.41 43.06
CA LYS C 163 -17.48 -0.58 42.22
C LYS C 163 -16.10 -0.09 41.83
N SER C 164 -15.15 -1.02 41.73
CA SER C 164 -13.80 -0.66 41.32
C SER C 164 -13.80 -0.11 39.89
N LEU C 165 -13.02 0.94 39.67
CA LEU C 165 -12.98 1.63 38.39
C LEU C 165 -11.84 1.15 37.50
N LEU C 166 -11.14 0.10 37.90
CA LEU C 166 -10.02 -0.43 37.13
C LEU C 166 -10.52 -1.52 36.20
N HIS C 167 -10.28 -1.35 34.90
CA HIS C 167 -10.74 -2.26 33.88
C HIS C 167 -9.60 -3.20 33.46
N SER C 168 -9.93 -4.16 32.59
CA SER C 168 -8.91 -5.08 32.08
C SER C 168 -7.92 -4.40 31.15
N ASN C 169 -8.22 -3.19 30.68
CA ASN C 169 -7.25 -2.44 29.88
C ASN C 169 -6.08 -1.91 30.70
N GLY C 170 -6.17 -1.99 32.03
CA GLY C 170 -5.24 -1.29 32.88
C GLY C 170 -5.57 0.17 33.11
N ASN C 171 -6.70 0.64 32.58
CA ASN C 171 -7.11 2.03 32.68
C ASN C 171 -8.11 2.20 33.81
N THR C 172 -7.87 3.18 34.67
CA THR C 172 -8.81 3.55 35.72
C THR C 172 -9.51 4.82 35.30
N TYR C 173 -10.83 4.79 35.23
CA TYR C 173 -11.63 5.89 34.68
C TYR C 173 -12.13 6.77 35.83
N LEU C 174 -11.31 7.73 36.22
CA LEU C 174 -11.70 8.74 37.20
C LEU C 174 -11.30 10.12 36.69
N TYR C 175 -12.23 11.07 36.80
CA TYR C 175 -12.02 12.43 36.32
C TYR C 175 -12.22 13.41 37.46
N TRP C 176 -11.28 14.34 37.60
CA TRP C 176 -11.32 15.40 38.61
C TRP C 176 -11.56 16.72 37.90
N PHE C 177 -12.66 17.39 38.28
CA PHE C 177 -13.06 18.68 37.75
C PHE C 177 -13.04 19.73 38.86
N LEU C 178 -12.86 20.99 38.47
CA LEU C 178 -12.86 22.11 39.40
C LEU C 178 -13.81 23.19 38.90
N GLN C 179 -14.81 23.54 39.70
CA GLN C 179 -15.72 24.63 39.41
C GLN C 179 -15.38 25.80 40.33
N ARG C 180 -14.93 26.90 39.74
CA ARG C 180 -14.65 28.11 40.50
C ARG C 180 -15.92 28.90 40.71
N PRO C 181 -15.98 29.73 41.75
CA PRO C 181 -17.22 30.47 42.05
C PRO C 181 -17.65 31.35 40.90
N GLY C 182 -18.82 31.04 40.33
CA GLY C 182 -19.35 31.79 39.22
C GLY C 182 -18.86 31.35 37.86
N GLN C 183 -18.14 30.24 37.76
CA GLN C 183 -17.58 29.78 36.49
C GLN C 183 -17.96 28.34 36.23
N SER C 184 -17.94 27.97 34.96
CA SER C 184 -18.24 26.60 34.56
C SER C 184 -17.10 25.68 34.98
N PRO C 185 -17.39 24.38 35.17
CA PRO C 185 -16.34 23.46 35.63
C PRO C 185 -15.21 23.35 34.63
N GLN C 186 -14.06 22.88 35.14
CA GLN C 186 -12.85 22.77 34.34
C GLN C 186 -12.18 21.44 34.62
N LEU C 187 -11.84 20.71 33.57
CA LEU C 187 -11.21 19.41 33.73
C LEU C 187 -9.77 19.59 34.19
N LEU C 188 -9.44 19.00 35.33
CA LEU C 188 -8.06 18.95 35.81
C LEU C 188 -7.40 17.63 35.45
N ILE C 189 -7.99 16.51 35.85
CA ILE C 189 -7.36 15.20 35.67
C ILE C 189 -8.33 14.24 34.99
N TYR C 190 -7.83 13.50 34.00
CA TYR C 190 -8.60 12.48 33.33
C TYR C 190 -7.92 11.13 33.49
N ARG C 191 -8.74 10.11 33.80
CA ARG C 191 -8.26 8.75 34.06
C ARG C 191 -7.31 8.69 35.25
N MET C 192 -7.59 9.53 36.25
CA MET C 192 -7.10 9.40 37.63
C MET C 192 -5.62 9.76 37.80
N SER C 193 -4.87 9.88 36.71
CA SER C 193 -3.46 10.25 36.84
C SER C 193 -2.99 11.27 35.83
N ASN C 194 -3.64 11.41 34.68
CA ASN C 194 -3.17 12.30 33.63
C ASN C 194 -3.56 13.74 33.92
N LEU C 195 -2.75 14.67 33.42
CA LEU C 195 -2.95 16.09 33.68
C LEU C 195 -3.44 16.76 32.40
N ALA C 196 -4.59 17.42 32.49
CA ALA C 196 -5.17 18.10 31.34
C ALA C 196 -4.29 19.28 30.92
N SER C 197 -4.38 19.63 29.64
CA SER C 197 -3.57 20.71 29.10
C SER C 197 -3.95 22.04 29.74
N GLY C 198 -2.94 22.85 30.06
CA GLY C 198 -3.14 24.12 30.70
C GLY C 198 -3.23 24.07 32.22
N VAL C 199 -3.22 22.87 32.80
CA VAL C 199 -3.31 22.70 34.25
C VAL C 199 -1.89 22.77 34.83
N PRO C 200 -1.65 23.62 35.83
CA PRO C 200 -0.33 23.68 36.44
C PRO C 200 0.07 22.35 37.06
N ASP C 201 1.38 22.07 37.05
CA ASP C 201 1.92 20.81 37.54
C ASP C 201 1.70 20.59 39.03
N ARG C 202 1.09 21.54 39.74
CA ARG C 202 0.83 21.37 41.16
C ARG C 202 -0.15 20.24 41.42
N PHE C 203 -1.18 20.11 40.58
CA PHE C 203 -2.20 19.10 40.78
C PHE C 203 -1.66 17.70 40.48
N SER C 204 -2.10 16.73 41.27
CA SER C 204 -1.74 15.34 41.03
C SER C 204 -2.89 14.44 41.45
N GLY C 205 -3.00 13.29 40.79
CA GLY C 205 -4.04 12.34 41.10
C GLY C 205 -3.49 10.93 41.31
N SER C 206 -3.91 10.28 42.39
CA SER C 206 -3.40 8.95 42.72
C SER C 206 -4.51 8.14 43.36
N GLY C 207 -4.82 6.97 42.79
CA GLY C 207 -5.89 6.16 43.32
C GLY C 207 -5.62 4.69 43.09
N SER C 208 -6.29 3.87 43.89
CA SER C 208 -6.13 2.41 43.84
C SER C 208 -7.52 1.77 43.78
N GLY C 209 -8.07 1.67 42.58
CA GLY C 209 -9.30 0.92 42.37
C GLY C 209 -10.56 1.56 42.90
N THR C 210 -10.60 1.87 44.19
CA THR C 210 -11.82 2.33 44.83
C THR C 210 -11.62 3.65 45.57
N ALA C 211 -10.41 3.89 46.07
CA ALA C 211 -10.09 5.10 46.81
C ALA C 211 -9.13 5.95 45.99
N PHE C 212 -9.45 7.24 45.86
CA PHE C 212 -8.71 8.15 45.00
C PHE C 212 -8.39 9.43 45.77
N THR C 213 -7.30 10.08 45.37
CA THR C 213 -6.82 11.28 46.05
C THR C 213 -6.34 12.30 45.03
N LEU C 214 -6.80 13.54 45.20
CA LEU C 214 -6.30 14.70 44.46
C LEU C 214 -5.45 15.54 45.39
N THR C 215 -4.22 15.85 44.96
CA THR C 215 -3.26 16.57 45.78
C THR C 215 -2.87 17.87 45.10
N ILE C 216 -2.92 18.97 45.85
CA ILE C 216 -2.46 20.27 45.40
C ILE C 216 -1.30 20.68 46.30
N SER C 217 -0.17 21.03 45.70
CA SER C 217 1.04 21.29 46.47
C SER C 217 1.20 22.76 46.83
N ARG C 218 1.34 23.63 45.83
CA ARG C 218 1.52 25.05 46.04
C ARG C 218 0.18 25.75 45.83
N LEU C 219 -0.70 25.62 46.81
CA LEU C 219 -2.05 26.15 46.69
C LEU C 219 -2.01 27.68 46.64
N GLU C 220 -2.59 28.24 45.59
CA GLU C 220 -2.70 29.68 45.42
C GLU C 220 -4.09 30.14 45.81
N ALA C 221 -4.40 31.41 45.57
CA ALA C 221 -5.71 31.96 45.88
C ALA C 221 -6.71 31.79 44.75
N GLU C 222 -6.27 31.29 43.59
CA GLU C 222 -7.15 31.04 42.46
C GLU C 222 -7.69 29.62 42.43
N ASP C 223 -7.35 28.79 43.41
CA ASP C 223 -7.76 27.40 43.44
C ASP C 223 -8.93 27.15 44.38
N VAL C 224 -9.55 28.19 44.91
CA VAL C 224 -10.70 28.04 45.80
C VAL C 224 -11.93 27.77 44.96
N GLY C 225 -12.70 26.75 45.35
CA GLY C 225 -13.85 26.34 44.56
C GLY C 225 -14.26 24.93 44.95
N VAL C 226 -15.15 24.37 44.13
CA VAL C 226 -15.74 23.07 44.40
C VAL C 226 -15.11 22.04 43.47
N TYR C 227 -14.61 20.96 44.04
CA TYR C 227 -13.96 19.89 43.29
C TYR C 227 -14.93 18.73 43.16
N TYR C 228 -15.09 18.23 41.93
CA TYR C 228 -16.03 17.16 41.62
C TYR C 228 -15.30 15.95 41.06
N CYS C 229 -15.86 14.78 41.36
CA CYS C 229 -15.24 13.49 41.12
C CYS C 229 -16.21 12.65 40.29
N MET C 230 -15.78 12.25 39.08
CA MET C 230 -16.67 11.58 38.14
C MET C 230 -16.05 10.28 37.67
N GLN C 231 -16.92 9.32 37.34
CA GLN C 231 -16.50 8.05 36.74
C GLN C 231 -17.01 7.96 35.32
N HIS C 232 -16.13 7.50 34.41
CA HIS C 232 -16.52 7.19 33.04
C HIS C 232 -16.41 5.69 32.76
N LEU C 233 -16.46 4.86 33.80
CA LEU C 233 -16.33 3.42 33.61
C LEU C 233 -17.57 2.84 32.93
N GLU C 234 -18.75 3.30 33.31
CA GLU C 234 -20.00 2.79 32.78
C GLU C 234 -20.81 3.91 32.13
N TYR C 235 -22.03 3.58 31.72
CA TYR C 235 -22.86 4.42 30.87
C TYR C 235 -23.56 5.56 31.63
N PRO C 236 -24.17 5.30 32.80
CA PRO C 236 -24.74 6.43 33.56
C PRO C 236 -23.68 7.16 34.37
N LEU C 237 -23.00 8.12 33.74
CA LEU C 237 -21.90 8.82 34.39
C LEU C 237 -22.36 9.47 35.68
N THR C 238 -21.58 9.29 36.74
CA THR C 238 -21.96 9.69 38.09
C THR C 238 -20.91 10.63 38.66
N PHE C 239 -21.37 11.69 39.33
CA PHE C 239 -20.51 12.68 39.94
C PHE C 239 -20.53 12.51 41.46
N GLY C 240 -19.50 13.09 42.10
CA GLY C 240 -19.44 13.12 43.55
C GLY C 240 -20.24 14.28 44.11
N ALA C 241 -20.28 14.33 45.45
CA ALA C 241 -21.00 15.40 46.13
C ALA C 241 -20.34 16.76 45.88
N GLY C 242 -19.02 16.81 45.94
CA GLY C 242 -18.30 18.06 45.70
C GLY C 242 -17.66 18.63 46.95
N THR C 243 -16.33 18.74 46.96
CA THR C 243 -15.59 19.23 48.11
C THR C 243 -15.24 20.70 47.91
N LYS C 244 -15.61 21.54 48.87
CA LYS C 244 -15.44 22.99 48.74
C LYS C 244 -14.19 23.43 49.47
N LEU C 245 -13.29 24.11 48.75
CA LEU C 245 -12.08 24.70 49.32
C LEU C 245 -12.25 26.21 49.34
N GLU C 246 -12.15 26.80 50.52
CA GLU C 246 -12.33 28.23 50.72
C GLU C 246 -11.26 28.76 51.65
N LEU C 247 -10.97 30.05 51.53
CA LEU C 247 -9.96 30.70 52.36
C LEU C 247 -10.45 30.82 53.80
N LEU D 12 -28.18 -56.75 -1.63
CA LEU D 12 -27.78 -57.14 -2.98
C LEU D 12 -26.46 -56.46 -3.36
N SER D 13 -25.56 -57.23 -3.99
CA SER D 13 -24.26 -56.69 -4.35
C SER D 13 -24.37 -55.58 -5.39
N THR D 14 -25.21 -55.78 -6.41
CA THR D 14 -25.36 -54.77 -7.45
C THR D 14 -25.98 -53.49 -6.89
N ARG D 15 -26.98 -53.61 -6.01
CA ARG D 15 -27.56 -52.43 -5.39
C ARG D 15 -26.55 -51.71 -4.52
N VAL D 16 -25.73 -52.47 -3.79
CA VAL D 16 -24.70 -51.86 -2.94
C VAL D 16 -23.70 -51.09 -3.79
N THR D 17 -23.26 -51.69 -4.91
CA THR D 17 -22.30 -51.01 -5.78
C THR D 17 -22.92 -49.75 -6.40
N LEU D 18 -24.17 -49.83 -6.84
CA LEU D 18 -24.83 -48.67 -7.41
C LEU D 18 -24.96 -47.55 -6.39
N ALA D 19 -25.38 -47.89 -5.17
CA ALA D 19 -25.49 -46.88 -4.11
C ALA D 19 -24.13 -46.28 -3.79
N PHE D 20 -23.08 -47.10 -3.80
CA PHE D 20 -21.74 -46.59 -3.55
C PHE D 20 -21.33 -45.60 -4.64
N PHE D 21 -21.63 -45.91 -5.89
CA PHE D 21 -21.27 -45.00 -6.98
C PHE D 21 -22.02 -43.68 -6.88
N MET D 22 -23.33 -43.74 -6.60
CA MET D 22 -24.09 -42.50 -6.46
C MET D 22 -23.62 -41.69 -5.26
N SER D 23 -23.29 -42.36 -4.15
CA SER D 23 -22.74 -41.66 -3.00
C SER D 23 -21.40 -41.02 -3.32
N LEU D 24 -20.58 -41.70 -4.13
CA LEU D 24 -19.30 -41.11 -4.54
C LEU D 24 -19.52 -39.87 -5.40
N VAL D 25 -20.52 -39.90 -6.28
CA VAL D 25 -20.83 -38.72 -7.09
C VAL D 25 -21.26 -37.57 -6.19
N ALA D 26 -22.13 -37.85 -5.22
CA ALA D 26 -22.56 -36.81 -4.29
C ALA D 26 -21.39 -36.26 -3.48
N PHE D 27 -20.49 -37.15 -3.04
CA PHE D 27 -19.32 -36.72 -2.30
C PHE D 27 -18.41 -35.85 -3.15
N ALA D 28 -18.26 -36.18 -4.42
CA ALA D 28 -17.44 -35.36 -5.33
C ALA D 28 -18.04 -33.96 -5.47
N ILE D 29 -19.36 -33.88 -5.67
CA ILE D 29 -20.01 -32.57 -5.78
C ILE D 29 -19.79 -31.77 -4.50
N MET D 30 -20.06 -32.40 -3.36
CA MET D 30 -19.95 -31.71 -2.08
C MET D 30 -18.53 -31.24 -1.83
N LEU D 31 -17.54 -32.08 -2.16
CA LEU D 31 -16.15 -31.75 -1.91
C LEU D 31 -15.68 -30.60 -2.80
N GLY D 32 -15.99 -30.64 -4.09
CA GLY D 32 -15.60 -29.56 -4.97
C GLY D 32 -16.19 -28.22 -4.54
N ASN D 33 -17.48 -28.22 -4.20
CA ASN D 33 -18.08 -26.97 -3.76
C ASN D 33 -17.54 -26.55 -2.39
N ALA D 34 -17.18 -27.51 -1.54
CA ALA D 34 -16.61 -27.17 -0.23
C ALA D 34 -15.27 -26.47 -0.39
N LEU D 35 -14.41 -26.97 -1.29
CA LEU D 35 -13.15 -26.25 -1.55
C LEU D 35 -13.39 -24.88 -2.17
N VAL D 36 -14.38 -24.76 -3.06
CA VAL D 36 -14.65 -23.44 -3.63
C VAL D 36 -15.04 -22.45 -2.52
N ILE D 37 -15.97 -22.86 -1.65
CA ILE D 37 -16.43 -21.98 -0.58
C ILE D 37 -15.30 -21.69 0.40
N LEU D 38 -14.48 -22.71 0.71
CA LEU D 38 -13.38 -22.51 1.63
C LEU D 38 -12.37 -21.51 1.09
N ALA D 39 -12.06 -21.60 -0.21
CA ALA D 39 -11.17 -20.61 -0.82
C ALA D 39 -11.78 -19.22 -0.73
N PHE D 40 -13.09 -19.10 -1.00
CA PHE D 40 -13.73 -17.80 -0.92
C PHE D 40 -13.61 -17.20 0.47
N VAL D 41 -13.85 -18.00 1.51
CA VAL D 41 -13.79 -17.48 2.87
C VAL D 41 -12.35 -17.16 3.27
N VAL D 42 -11.41 -18.01 2.89
CA VAL D 42 -10.04 -17.88 3.39
C VAL D 42 -9.32 -16.70 2.75
N ASP D 43 -9.44 -16.56 1.41
CA ASP D 43 -8.60 -15.58 0.71
C ASP D 43 -8.88 -14.15 1.18
N LYS D 44 -10.15 -13.79 1.29
CA LYS D 44 -10.60 -12.44 1.66
C LYS D 44 -10.28 -11.41 0.59
N ASN D 45 -9.58 -11.81 -0.47
CA ASN D 45 -9.41 -10.95 -1.63
C ASN D 45 -10.45 -11.23 -2.71
N LEU D 46 -11.26 -12.27 -2.53
CA LEU D 46 -12.32 -12.61 -3.47
C LEU D 46 -13.64 -11.96 -3.06
N ARG D 47 -13.62 -10.64 -2.89
CA ARG D 47 -14.81 -9.87 -2.55
C ARG D 47 -15.38 -9.12 -3.75
N HIS D 48 -14.85 -9.39 -4.95
CA HIS D 48 -15.44 -8.84 -6.16
C HIS D 48 -16.80 -9.49 -6.42
N ARG D 49 -17.62 -8.79 -7.21
CA ARG D 49 -18.96 -9.30 -7.49
C ARG D 49 -18.91 -10.65 -8.20
N SER D 50 -17.93 -10.84 -9.08
CA SER D 50 -17.77 -12.12 -9.77
C SER D 50 -17.54 -13.24 -8.77
N SER D 51 -16.69 -13.01 -7.78
CA SER D 51 -16.44 -14.01 -6.76
C SER D 51 -17.69 -14.28 -5.93
N TYR D 52 -18.49 -13.25 -5.67
CA TYR D 52 -19.75 -13.43 -4.96
C TYR D 52 -20.70 -14.34 -5.74
N PHE D 53 -20.82 -14.10 -7.05
CA PHE D 53 -21.71 -14.93 -7.85
C PHE D 53 -21.19 -16.36 -7.97
N PHE D 54 -19.86 -16.51 -8.07
CA PHE D 54 -19.27 -17.85 -8.05
C PHE D 54 -19.57 -18.56 -6.74
N LEU D 55 -19.50 -17.83 -5.62
CA LEU D 55 -19.84 -18.40 -4.33
C LEU D 55 -21.31 -18.82 -4.28
N ASN D 56 -22.20 -18.00 -4.82
CA ASN D 56 -23.62 -18.35 -4.85
C ASN D 56 -23.84 -19.64 -5.65
N LEU D 57 -23.21 -19.74 -6.82
CA LEU D 57 -23.34 -20.96 -7.61
C LEU D 57 -22.79 -22.15 -6.83
N ALA D 58 -21.63 -21.99 -6.21
CA ALA D 58 -21.04 -23.08 -5.44
C ALA D 58 -21.94 -23.51 -4.29
N ILE D 59 -22.59 -22.56 -3.64
CA ILE D 59 -23.50 -22.87 -2.55
C ILE D 59 -24.69 -23.68 -3.07
N SER D 60 -25.25 -23.27 -4.21
CA SER D 60 -26.36 -24.03 -4.79
C SER D 60 -25.94 -25.47 -5.10
N ASP D 61 -24.77 -25.64 -5.72
CA ASP D 61 -24.31 -26.97 -6.09
C ASP D 61 -23.99 -27.81 -4.85
N PHE D 62 -23.41 -27.18 -3.83
CA PHE D 62 -23.11 -27.86 -2.57
C PHE D 62 -24.38 -28.37 -1.90
N PHE D 63 -25.42 -27.52 -1.85
CA PHE D 63 -26.67 -27.96 -1.25
C PHE D 63 -27.32 -29.07 -2.07
N VAL D 64 -27.22 -28.99 -3.41
CA VAL D 64 -27.64 -30.12 -4.25
C VAL D 64 -26.98 -31.40 -3.76
N GLY D 65 -25.64 -31.41 -3.76
CA GLY D 65 -24.91 -32.62 -3.41
C GLY D 65 -25.17 -33.10 -1.99
N VAL D 66 -25.46 -32.17 -1.07
CA VAL D 66 -25.60 -32.55 0.34
C VAL D 66 -27.02 -32.94 0.72
N ILE D 67 -28.03 -32.56 -0.04
CA ILE D 67 -29.42 -32.84 0.30
C ILE D 67 -30.06 -33.81 -0.70
N SER D 68 -29.98 -33.51 -2.00
CA SER D 68 -30.78 -34.24 -2.98
C SER D 68 -30.36 -35.70 -3.07
N ILE D 69 -29.09 -35.94 -3.41
CA ILE D 69 -28.63 -37.31 -3.65
C ILE D 69 -28.70 -38.18 -2.39
N PRO D 70 -28.20 -37.76 -1.23
CA PRO D 70 -28.23 -38.67 -0.06
C PRO D 70 -29.62 -39.13 0.32
N LEU D 71 -30.62 -38.26 0.23
CA LEU D 71 -31.99 -38.68 0.49
C LEU D 71 -32.51 -39.57 -0.62
N TYR D 72 -31.97 -39.42 -1.84
CA TYR D 72 -32.41 -40.22 -2.97
C TYR D 72 -31.80 -41.62 -2.96
N ILE D 73 -30.70 -41.84 -2.24
CA ILE D 73 -30.07 -43.16 -2.21
C ILE D 73 -31.03 -44.25 -1.76
N PRO D 74 -31.75 -44.12 -0.63
CA PRO D 74 -32.61 -45.24 -0.18
C PRO D 74 -33.91 -45.36 -0.95
N HIS D 75 -34.46 -44.22 -1.39
CA HIS D 75 -35.80 -44.22 -1.96
C HIS D 75 -35.90 -45.08 -3.21
N THR D 76 -34.81 -45.20 -3.98
CA THR D 76 -34.84 -45.90 -5.24
C THR D 76 -34.08 -47.22 -5.27
N LEU D 77 -33.19 -47.46 -4.32
CA LEU D 77 -32.37 -48.67 -4.32
C LEU D 77 -32.69 -49.59 -3.16
N PHE D 78 -32.59 -49.11 -1.92
CA PHE D 78 -32.93 -49.89 -0.73
C PHE D 78 -34.27 -49.36 -0.23
N GLU D 79 -35.35 -49.91 -0.79
CA GLU D 79 -36.69 -49.32 -0.70
C GLU D 79 -37.07 -48.97 0.73
N TRP D 80 -37.29 -47.68 0.96
CA TRP D 80 -37.79 -47.18 2.23
C TRP D 80 -38.60 -45.92 1.90
N ASP D 81 -39.92 -46.07 1.83
CA ASP D 81 -40.80 -44.94 1.50
C ASP D 81 -40.69 -43.86 2.57
N PHE D 82 -40.11 -42.72 2.21
CA PHE D 82 -39.92 -41.64 3.18
C PHE D 82 -41.25 -41.10 3.67
N GLY D 83 -42.21 -40.94 2.76
CA GLY D 83 -43.52 -40.44 3.09
C GLY D 83 -44.02 -39.51 2.02
N LYS D 84 -44.96 -38.65 2.39
CA LYS D 84 -45.53 -37.67 1.47
C LYS D 84 -44.98 -36.27 1.69
N GLU D 85 -44.99 -35.79 2.93
CA GLU D 85 -44.43 -34.47 3.23
C GLU D 85 -42.95 -34.43 2.93
N ILE D 86 -42.23 -35.51 3.23
CA ILE D 86 -40.81 -35.57 2.93
C ILE D 86 -40.58 -35.52 1.43
N CYS D 87 -41.44 -36.18 0.65
CA CYS D 87 -41.34 -36.08 -0.80
C CYS D 87 -41.55 -34.65 -1.27
N VAL D 88 -42.52 -33.94 -0.70
CA VAL D 88 -42.77 -32.55 -1.08
C VAL D 88 -41.56 -31.68 -0.77
N PHE D 89 -40.99 -31.86 0.43
CA PHE D 89 -39.82 -31.08 0.81
C PHE D 89 -38.64 -31.38 -0.10
N TRP D 90 -38.42 -32.65 -0.42
CA TRP D 90 -37.32 -33.04 -1.30
C TRP D 90 -37.50 -32.44 -2.69
N LEU D 91 -38.72 -32.50 -3.24
CA LEU D 91 -38.96 -31.93 -4.56
C LEU D 91 -38.74 -30.42 -4.56
N THR D 92 -39.25 -29.73 -3.53
CA THR D 92 -39.08 -28.29 -3.45
C THR D 92 -37.60 -27.93 -3.38
N THR D 93 -36.85 -28.61 -2.52
CA THR D 93 -35.42 -28.31 -2.38
C THR D 93 -34.67 -28.59 -3.68
N ASP D 94 -34.94 -29.73 -4.31
CA ASP D 94 -34.23 -30.10 -5.53
C ASP D 94 -34.48 -29.09 -6.65
N TYR D 95 -35.76 -28.77 -6.89
CA TYR D 95 -36.08 -27.83 -7.97
C TYR D 95 -35.54 -26.44 -7.67
N LEU D 96 -35.66 -25.99 -6.42
CA LEU D 96 -35.11 -24.69 -6.04
C LEU D 96 -33.61 -24.62 -6.32
N LEU D 97 -32.87 -25.64 -5.88
CA LEU D 97 -31.42 -25.62 -6.04
C LEU D 97 -31.01 -25.68 -7.50
N CYS D 98 -31.67 -26.53 -8.30
CA CYS D 98 -31.31 -26.64 -9.71
C CYS D 98 -31.58 -25.34 -10.45
N THR D 99 -32.76 -24.75 -10.24
CA THR D 99 -33.07 -23.49 -10.90
C THR D 99 -32.18 -22.36 -10.41
N ALA D 100 -31.79 -22.37 -9.14
CA ALA D 100 -30.87 -21.36 -8.64
C ALA D 100 -29.51 -21.48 -9.31
N SER D 101 -29.02 -22.71 -9.50
CA SER D 101 -27.76 -22.90 -10.20
C SER D 101 -27.85 -22.39 -11.63
N VAL D 102 -28.95 -22.69 -12.33
CA VAL D 102 -29.10 -22.24 -13.71
C VAL D 102 -29.13 -20.72 -13.78
N TYR D 103 -29.88 -20.08 -12.87
CA TYR D 103 -29.99 -18.63 -12.91
C TYR D 103 -28.66 -17.96 -12.52
N ASN D 104 -27.89 -18.59 -11.62
CA ASN D 104 -26.56 -18.08 -11.33
C ASN D 104 -25.65 -18.18 -12.56
N ILE D 105 -25.78 -19.27 -13.33
CA ILE D 105 -25.03 -19.38 -14.58
C ILE D 105 -25.38 -18.24 -15.51
N VAL D 106 -26.68 -17.94 -15.64
CA VAL D 106 -27.12 -16.86 -16.51
C VAL D 106 -26.57 -15.52 -16.03
N LEU D 107 -26.59 -15.28 -14.72
CA LEU D 107 -26.08 -14.03 -14.18
C LEU D 107 -24.59 -13.88 -14.41
N ILE D 108 -23.82 -14.98 -14.27
CA ILE D 108 -22.39 -14.93 -14.53
C ILE D 108 -22.13 -14.62 -16.00
N SER D 109 -22.90 -15.24 -16.91
CA SER D 109 -22.74 -14.95 -18.32
C SER D 109 -23.05 -13.48 -18.62
N TYR D 110 -24.09 -12.94 -17.98
CA TYR D 110 -24.41 -11.53 -18.18
C TYR D 110 -23.29 -10.63 -17.65
N ASP D 111 -22.70 -10.99 -16.52
CA ASP D 111 -21.61 -10.18 -15.98
C ASP D 111 -20.39 -10.20 -16.89
N ARG D 112 -20.07 -11.36 -17.48
CA ARG D 112 -18.99 -11.42 -18.46
C ARG D 112 -19.32 -10.58 -19.69
N TYR D 113 -20.57 -10.63 -20.14
CA TYR D 113 -20.98 -9.79 -21.27
C TYR D 113 -20.82 -8.32 -20.94
N LEU D 114 -21.13 -7.92 -19.71
CA LEU D 114 -20.91 -6.53 -19.30
C LEU D 114 -19.42 -6.20 -19.28
N SER D 115 -18.60 -7.10 -18.76
CA SER D 115 -17.17 -6.82 -18.66
C SER D 115 -16.53 -6.66 -20.02
N VAL D 116 -17.02 -7.39 -21.02
CA VAL D 116 -16.45 -7.28 -22.36
C VAL D 116 -17.08 -6.12 -23.15
N SER D 117 -18.40 -5.94 -23.06
CA SER D 117 -19.08 -4.93 -23.87
C SER D 117 -18.61 -3.53 -23.52
N ASN D 118 -18.66 -3.17 -22.25
CA ASN D 118 -18.09 -1.91 -21.76
C ASN D 118 -17.04 -2.21 -20.70
N ALA D 119 -15.86 -1.62 -20.85
CA ALA D 119 -14.73 -1.91 -20.00
C ALA D 119 -14.36 -0.77 -19.07
N VAL D 120 -14.38 0.48 -19.57
CA VAL D 120 -14.08 1.62 -18.72
C VAL D 120 -15.15 1.77 -17.64
N SER D 121 -16.41 1.48 -17.98
CA SER D 121 -17.48 1.55 -17.00
C SER D 121 -17.43 0.36 -16.04
N TYR D 122 -17.10 -0.83 -16.53
CA TYR D 122 -16.98 -2.01 -15.68
C TYR D 122 -15.73 -1.96 -14.82
N ARG D 123 -14.81 -1.03 -15.07
CA ARG D 123 -13.62 -0.89 -14.25
C ARG D 123 -13.67 0.33 -13.33
N THR D 124 -14.17 1.47 -13.82
CA THR D 124 -14.12 2.71 -13.06
C THR D 124 -15.47 3.08 -12.44
N GLN D 125 -16.50 3.25 -13.27
CA GLN D 125 -17.72 3.90 -12.80
C GLN D 125 -18.59 2.99 -11.93
N HIS D 126 -18.75 1.72 -12.31
CA HIS D 126 -19.76 0.90 -11.65
C HIS D 126 -19.33 0.59 -10.22
N THR D 127 -20.31 0.58 -9.32
CA THR D 127 -20.08 0.27 -7.91
C THR D 127 -21.35 -0.33 -7.33
N GLY D 128 -21.18 -1.26 -6.40
CA GLY D 128 -22.33 -1.85 -5.75
C GLY D 128 -22.01 -2.81 -4.62
N VAL D 129 -22.71 -2.66 -3.50
CA VAL D 129 -22.62 -3.59 -2.38
C VAL D 129 -23.99 -4.18 -2.04
N LEU D 130 -25.02 -3.32 -1.96
CA LEU D 130 -26.39 -3.79 -1.82
C LEU D 130 -26.90 -4.43 -3.09
N LYS D 131 -26.33 -4.06 -4.24
CA LYS D 131 -26.75 -4.67 -5.50
C LYS D 131 -26.48 -6.16 -5.52
N ILE D 132 -25.33 -6.58 -4.98
CA ILE D 132 -24.97 -8.00 -5.01
C ILE D 132 -25.94 -8.83 -4.18
N VAL D 133 -26.25 -8.38 -2.96
CA VAL D 133 -27.16 -9.13 -2.11
C VAL D 133 -28.56 -9.13 -2.70
N THR D 134 -29.01 -8.00 -3.25
CA THR D 134 -30.32 -7.98 -3.88
C THR D 134 -30.38 -8.91 -5.08
N LEU D 135 -29.29 -9.00 -5.86
CA LEU D 135 -29.26 -9.89 -7.01
C LEU D 135 -29.30 -11.35 -6.59
N MET D 136 -28.54 -11.71 -5.55
CA MET D 136 -28.59 -13.08 -5.04
C MET D 136 -30.00 -13.44 -4.57
N VAL D 137 -30.62 -12.53 -3.80
CA VAL D 137 -31.96 -12.78 -3.30
C VAL D 137 -32.93 -12.91 -4.47
N ALA D 138 -32.77 -12.07 -5.50
CA ALA D 138 -33.66 -12.12 -6.65
C ALA D 138 -33.53 -13.43 -7.42
N VAL D 139 -32.31 -13.90 -7.63
CA VAL D 139 -32.15 -15.15 -8.39
C VAL D 139 -32.70 -16.33 -7.58
N TRP D 140 -32.48 -16.34 -6.26
CA TRP D 140 -33.06 -17.41 -5.45
C TRP D 140 -34.58 -17.35 -5.45
N VAL D 141 -35.14 -16.14 -5.37
CA VAL D 141 -36.59 -15.98 -5.33
C VAL D 141 -37.22 -16.43 -6.64
N LEU D 142 -36.61 -16.05 -7.78
CA LEU D 142 -37.12 -16.50 -9.06
C LEU D 142 -36.99 -18.00 -9.21
N ALA D 143 -35.88 -18.57 -8.76
CA ALA D 143 -35.68 -20.01 -8.82
C ALA D 143 -36.77 -20.75 -8.06
N PHE D 144 -37.12 -20.27 -6.86
CA PHE D 144 -38.23 -20.88 -6.13
C PHE D 144 -39.55 -20.67 -6.87
N LEU D 145 -39.87 -19.42 -7.21
CA LEU D 145 -41.19 -19.09 -7.74
C LEU D 145 -41.46 -19.76 -9.08
N VAL D 146 -40.43 -20.22 -9.78
CA VAL D 146 -40.66 -20.92 -11.04
C VAL D 146 -41.44 -22.21 -10.81
N ASN D 147 -41.06 -22.99 -9.79
CA ASN D 147 -41.57 -24.34 -9.64
C ASN D 147 -42.30 -24.59 -8.32
N GLY D 148 -41.79 -24.07 -7.21
CA GLY D 148 -42.26 -24.41 -5.88
C GLY D 148 -43.77 -24.45 -5.68
N PRO D 149 -44.43 -23.30 -5.82
CA PRO D 149 -45.90 -23.27 -5.62
C PRO D 149 -46.64 -24.22 -6.54
N MET D 150 -46.22 -24.34 -7.80
CA MET D 150 -46.88 -25.26 -8.71
C MET D 150 -46.65 -26.70 -8.31
N ILE D 151 -45.45 -27.02 -7.81
CA ILE D 151 -45.19 -28.37 -7.32
C ILE D 151 -46.06 -28.68 -6.11
N LEU D 152 -46.25 -27.71 -5.23
CA LEU D 152 -47.13 -27.91 -4.08
C LEU D 152 -48.57 -28.15 -4.52
N VAL D 153 -49.06 -27.34 -5.46
CA VAL D 153 -50.42 -27.54 -5.98
C VAL D 153 -50.55 -28.92 -6.62
N SER D 154 -49.54 -29.32 -7.40
CA SER D 154 -49.59 -30.60 -8.08
C SER D 154 -49.58 -31.77 -7.09
N GLU D 155 -48.76 -31.69 -6.05
CA GLU D 155 -48.76 -32.76 -5.05
C GLU D 155 -50.05 -32.77 -4.25
N SER D 156 -50.71 -31.61 -4.12
CA SER D 156 -52.06 -31.61 -3.57
C SER D 156 -53.04 -32.29 -4.51
N TRP D 157 -52.82 -32.18 -5.82
CA TRP D 157 -53.71 -32.81 -6.79
C TRP D 157 -53.70 -34.32 -6.66
N LYS D 158 -52.51 -34.93 -6.62
CA LYS D 158 -52.39 -36.38 -6.58
C LYS D 158 -52.85 -36.93 -5.23
N GLY D 161 -49.01 -41.41 -9.05
CA GLY D 161 -49.30 -40.96 -7.70
C GLY D 161 -48.45 -41.64 -6.65
N SER D 162 -48.38 -42.97 -6.72
CA SER D 162 -47.57 -43.73 -5.76
C SER D 162 -46.10 -43.37 -5.86
N GLU D 163 -45.58 -43.26 -7.08
CA GLU D 163 -44.19 -42.87 -7.27
C GLU D 163 -43.98 -41.44 -6.79
N CYS D 164 -42.82 -41.21 -6.15
CA CYS D 164 -42.50 -39.86 -5.67
C CYS D 164 -42.16 -38.97 -6.86
N GLU D 165 -43.17 -38.28 -7.37
CA GLU D 165 -43.07 -37.43 -8.54
C GLU D 165 -43.85 -36.15 -8.27
N PRO D 166 -43.59 -35.09 -9.05
CA PRO D 166 -44.37 -33.85 -8.86
C PRO D 166 -45.86 -34.05 -9.00
N GLY D 167 -46.31 -34.96 -9.86
CA GLY D 167 -47.71 -35.21 -10.07
C GLY D 167 -48.35 -34.37 -11.16
N PHE D 168 -47.72 -33.27 -11.56
CA PHE D 168 -48.18 -32.46 -12.67
C PHE D 168 -47.73 -33.02 -14.01
N PHE D 169 -46.98 -34.11 -14.02
CA PHE D 169 -46.52 -34.71 -15.27
C PHE D 169 -47.66 -35.20 -16.14
N SER D 170 -48.85 -35.40 -15.55
CA SER D 170 -50.01 -35.78 -16.34
C SER D 170 -50.42 -34.67 -17.31
N GLU D 171 -50.37 -33.42 -16.85
CA GLU D 171 -50.73 -32.27 -17.69
C GLU D 171 -49.48 -31.71 -18.35
N TRP D 172 -49.54 -31.53 -19.67
CA TRP D 172 -48.38 -31.07 -20.42
C TRP D 172 -48.30 -29.55 -20.55
N TYR D 173 -49.38 -28.82 -20.25
CA TYR D 173 -49.33 -27.37 -20.32
C TYR D 173 -48.43 -26.80 -19.23
N ILE D 174 -48.58 -27.29 -18.00
CA ILE D 174 -47.77 -26.81 -16.88
C ILE D 174 -46.31 -27.16 -17.11
N LEU D 175 -46.04 -28.39 -17.54
CA LEU D 175 -44.67 -28.79 -17.85
C LEU D 175 -44.09 -27.94 -18.97
N ALA D 176 -44.90 -27.66 -20.00
CA ALA D 176 -44.43 -26.83 -21.10
C ALA D 176 -44.05 -25.44 -20.62
N ILE D 177 -44.90 -24.83 -19.79
CA ILE D 177 -44.63 -23.48 -19.31
C ILE D 177 -43.37 -23.46 -18.44
N THR D 178 -43.28 -24.39 -17.48
CA THR D 178 -42.15 -24.40 -16.57
C THR D 178 -40.85 -24.66 -17.30
N SER D 179 -40.83 -25.68 -18.15
CA SER D 179 -39.62 -26.00 -18.91
C SER D 179 -39.26 -24.87 -19.85
N PHE D 180 -40.25 -24.30 -20.56
CA PHE D 180 -39.98 -23.20 -21.47
C PHE D 180 -39.27 -22.06 -20.74
N LEU D 181 -39.85 -21.59 -19.64
CA LEU D 181 -39.19 -20.53 -18.89
C LEU D 181 -37.79 -20.99 -18.50
N GLU D 182 -37.74 -21.98 -17.58
CA GLU D 182 -36.53 -22.31 -16.84
C GLU D 182 -35.39 -22.82 -17.71
N PHE D 183 -35.67 -23.24 -18.94
CA PHE D 183 -34.61 -23.71 -19.82
C PHE D 183 -34.44 -22.82 -21.05
N VAL D 184 -35.52 -22.52 -21.77
CA VAL D 184 -35.40 -21.75 -23.00
C VAL D 184 -34.89 -20.34 -22.71
N ILE D 185 -35.42 -19.68 -21.69
CA ILE D 185 -34.98 -18.31 -21.45
C ILE D 185 -33.50 -18.31 -21.05
N PRO D 186 -33.07 -19.13 -20.07
CA PRO D 186 -31.64 -19.15 -19.76
C PRO D 186 -30.75 -19.57 -20.93
N VAL D 187 -31.15 -20.56 -21.72
CA VAL D 187 -30.28 -21.02 -22.79
C VAL D 187 -30.17 -19.97 -23.88
N ILE D 188 -31.27 -19.30 -24.21
CA ILE D 188 -31.22 -18.24 -25.21
C ILE D 188 -30.36 -17.08 -24.72
N LEU D 189 -30.54 -16.69 -23.45
CA LEU D 189 -29.75 -15.58 -22.92
C LEU D 189 -28.27 -15.91 -22.89
N VAL D 190 -27.91 -17.12 -22.44
CA VAL D 190 -26.50 -17.50 -22.36
C VAL D 190 -25.89 -17.60 -23.75
N ALA D 191 -26.62 -18.19 -24.70
CA ALA D 191 -26.11 -18.26 -26.07
C ALA D 191 -25.93 -16.87 -26.66
N TYR D 192 -26.89 -15.97 -26.42
CA TYR D 192 -26.78 -14.61 -26.92
C TYR D 192 -25.57 -13.90 -26.35
N PHE D 193 -25.35 -14.03 -25.03
CA PHE D 193 -24.21 -13.36 -24.40
C PHE D 193 -22.89 -13.93 -24.92
N ASN D 194 -22.77 -15.26 -24.96
CA ASN D 194 -21.52 -15.87 -25.40
C ASN D 194 -21.23 -15.55 -26.86
N MET D 195 -22.26 -15.58 -27.71
CA MET D 195 -22.05 -15.26 -29.13
C MET D 195 -21.71 -13.79 -29.32
N ASN D 196 -22.29 -12.90 -28.50
CA ASN D 196 -21.88 -11.51 -28.55
C ASN D 196 -20.42 -11.36 -28.18
N ILE D 197 -19.97 -12.04 -27.12
CA ILE D 197 -18.56 -11.96 -26.73
C ILE D 197 -17.68 -12.43 -27.87
N TYR D 198 -17.98 -13.61 -28.42
CA TYR D 198 -17.13 -14.18 -29.46
C TYR D 198 -17.10 -13.29 -30.70
N TRP D 199 -18.27 -12.86 -31.17
CA TRP D 199 -18.32 -12.11 -32.43
C TRP D 199 -17.77 -10.70 -32.27
N SER D 200 -17.96 -10.07 -31.10
CA SER D 200 -17.44 -8.74 -30.89
C SER D 200 -15.96 -8.73 -30.52
N LEU D 201 -15.40 -9.88 -30.13
CA LEU D 201 -13.96 -9.97 -29.98
C LEU D 201 -13.27 -10.39 -31.27
N TRP D 202 -13.97 -11.14 -32.14
CA TRP D 202 -13.41 -11.43 -33.46
C TRP D 202 -13.52 -10.24 -34.40
N LYS D 203 -14.60 -9.46 -34.28
CA LYS D 203 -14.79 -8.29 -35.14
C LYS D 203 -13.75 -7.22 -34.84
N ARG D 204 -13.45 -6.99 -33.57
CA ARG D 204 -12.49 -5.96 -33.17
C ARG D 204 -11.07 -6.36 -33.56
N ALA D 298 -7.78 -17.13 -31.62
CA ALA D 298 -9.17 -16.95 -31.24
C ALA D 298 -9.87 -18.30 -31.11
N ARG D 299 -9.15 -19.37 -31.42
CA ARG D 299 -9.72 -20.71 -31.31
C ARG D 299 -10.04 -21.06 -29.86
N ARG D 300 -9.15 -20.68 -28.93
CA ARG D 300 -9.38 -21.02 -27.52
C ARG D 300 -10.63 -20.36 -26.97
N LEU D 301 -10.84 -19.08 -27.30
CA LEU D 301 -12.01 -18.37 -26.79
C LEU D 301 -13.30 -18.99 -27.30
N ALA D 302 -13.37 -19.23 -28.61
CA ALA D 302 -14.58 -19.82 -29.19
C ALA D 302 -14.81 -21.22 -28.64
N LYS D 303 -13.74 -22.01 -28.49
CA LYS D 303 -13.89 -23.36 -27.94
C LYS D 303 -14.40 -23.32 -26.51
N SER D 304 -13.88 -22.40 -25.69
CA SER D 304 -14.33 -22.31 -24.30
C SER D 304 -15.78 -21.88 -24.22
N LEU D 305 -16.19 -20.88 -25.01
CA LEU D 305 -17.58 -20.44 -24.99
C LEU D 305 -18.51 -21.55 -25.47
N ALA D 306 -18.11 -22.25 -26.54
CA ALA D 306 -18.93 -23.35 -27.06
C ALA D 306 -19.05 -24.47 -26.03
N ILE D 307 -17.96 -24.79 -25.33
CA ILE D 307 -18.02 -25.82 -24.30
C ILE D 307 -18.93 -25.39 -23.15
N LEU D 308 -18.82 -24.14 -22.72
CA LEU D 308 -19.65 -23.65 -21.63
C LEU D 308 -21.13 -23.72 -21.99
N LEU D 309 -21.48 -23.36 -23.23
CA LEU D 309 -22.87 -23.46 -23.65
C LEU D 309 -23.30 -24.91 -23.83
N GLY D 310 -22.44 -25.74 -24.41
CA GLY D 310 -22.81 -27.11 -24.73
C GLY D 310 -23.01 -27.98 -23.52
N VAL D 311 -22.19 -27.78 -22.48
CA VAL D 311 -22.35 -28.56 -21.25
C VAL D 311 -23.73 -28.31 -20.66
N PHE D 312 -24.12 -27.04 -20.55
CA PHE D 312 -25.44 -26.70 -20.03
C PHE D 312 -26.55 -27.27 -20.90
N ALA D 313 -26.43 -27.10 -22.21
CA ALA D 313 -27.48 -27.57 -23.12
C ALA D 313 -27.64 -29.09 -23.02
N VAL D 314 -26.53 -29.82 -23.11
CA VAL D 314 -26.56 -31.28 -23.07
C VAL D 314 -27.05 -31.78 -21.73
N CYS D 315 -26.71 -31.09 -20.64
CA CYS D 315 -27.10 -31.58 -19.32
C CYS D 315 -28.55 -31.25 -18.97
N TRP D 316 -29.12 -30.20 -19.56
CA TRP D 316 -30.45 -29.78 -19.15
C TRP D 316 -31.54 -29.96 -20.19
N ALA D 317 -31.20 -30.27 -21.44
CA ALA D 317 -32.24 -30.44 -22.45
C ALA D 317 -32.95 -31.80 -22.36
N PRO D 318 -32.22 -32.93 -22.37
CA PRO D 318 -32.91 -34.22 -22.55
C PRO D 318 -33.99 -34.51 -21.54
N TYR D 319 -33.79 -34.19 -20.26
CA TYR D 319 -34.81 -34.47 -19.26
C TYR D 319 -36.09 -33.68 -19.54
N SER D 320 -35.94 -32.40 -19.85
CA SER D 320 -37.12 -31.58 -20.13
C SER D 320 -37.83 -32.05 -21.40
N LEU D 321 -37.08 -32.33 -22.47
CA LEU D 321 -37.71 -32.78 -23.70
C LEU D 321 -38.42 -34.11 -23.49
N PHE D 322 -37.78 -35.05 -22.78
CA PHE D 322 -38.38 -36.35 -22.53
C PHE D 322 -39.64 -36.23 -21.69
N THR D 323 -39.61 -35.39 -20.66
CA THR D 323 -40.79 -35.25 -19.81
C THR D 323 -41.93 -34.55 -20.55
N ILE D 324 -41.61 -33.61 -21.45
CA ILE D 324 -42.66 -33.00 -22.26
C ILE D 324 -43.28 -34.03 -23.20
N VAL D 325 -42.44 -34.85 -23.84
CA VAL D 325 -42.94 -35.87 -24.75
C VAL D 325 -43.83 -36.86 -24.01
N LEU D 326 -43.41 -37.29 -22.81
CA LEU D 326 -44.19 -38.24 -22.04
C LEU D 326 -45.47 -37.62 -21.50
N SER D 327 -45.45 -36.31 -21.19
CA SER D 327 -46.64 -35.66 -20.67
C SER D 327 -47.69 -35.47 -21.76
N PHE D 328 -47.26 -35.06 -22.95
CA PHE D 328 -48.21 -34.84 -24.04
C PHE D 328 -48.61 -36.13 -24.74
N TYR D 329 -47.83 -37.20 -24.54
CA TYR D 329 -48.06 -38.49 -25.22
C TYR D 329 -47.97 -38.32 -26.74
N LYS D 336 -38.87 -44.92 -14.51
CA LYS D 336 -39.90 -45.29 -15.49
C LYS D 336 -39.29 -46.12 -16.62
N SER D 337 -38.08 -45.77 -17.03
CA SER D 337 -37.39 -46.48 -18.10
C SER D 337 -35.89 -46.41 -17.81
N VAL D 338 -35.06 -46.71 -18.80
CA VAL D 338 -33.61 -46.74 -18.61
C VAL D 338 -32.99 -45.44 -19.09
N TRP D 339 -33.65 -44.75 -20.02
CA TRP D 339 -33.18 -43.45 -20.48
C TRP D 339 -33.69 -42.31 -19.61
N TYR D 340 -34.87 -42.48 -19.02
CA TYR D 340 -35.42 -41.46 -18.13
C TYR D 340 -34.53 -41.25 -16.91
N ARG D 341 -33.95 -42.34 -16.39
CA ARG D 341 -33.06 -42.22 -15.24
C ARG D 341 -31.77 -41.46 -15.59
N ILE D 342 -31.22 -41.72 -16.78
CA ILE D 342 -30.03 -40.99 -17.21
C ILE D 342 -30.36 -39.51 -17.40
N ALA D 343 -31.52 -39.22 -17.99
CA ALA D 343 -31.95 -37.83 -18.11
C ALA D 343 -32.12 -37.19 -16.74
N PHE D 344 -32.58 -37.97 -15.76
CA PHE D 344 -32.69 -37.49 -14.39
C PHE D 344 -31.33 -37.13 -13.82
N TRP D 345 -30.33 -37.98 -14.04
CA TRP D 345 -29.02 -37.81 -13.42
C TRP D 345 -28.14 -36.78 -14.11
N LEU D 346 -28.39 -36.48 -15.39
CA LEU D 346 -27.53 -35.52 -16.09
C LEU D 346 -27.66 -34.13 -15.50
N GLN D 347 -28.86 -33.75 -15.09
CA GLN D 347 -29.07 -32.46 -14.45
C GLN D 347 -28.23 -32.33 -13.20
N TRP D 348 -28.09 -33.42 -12.44
CA TRP D 348 -27.25 -33.43 -11.26
C TRP D 348 -25.77 -33.38 -11.63
N PHE D 349 -25.40 -34.06 -12.73
CA PHE D 349 -23.99 -34.08 -13.14
C PHE D 349 -23.51 -32.69 -13.56
N ASN D 350 -24.40 -31.87 -14.11
CA ASN D 350 -24.05 -30.46 -14.36
C ASN D 350 -23.57 -29.79 -13.08
N SER D 351 -24.14 -30.19 -11.94
CA SER D 351 -23.77 -29.59 -10.66
C SER D 351 -22.37 -29.98 -10.23
N PHE D 352 -21.83 -31.09 -10.73
CA PHE D 352 -20.44 -31.43 -10.50
C PHE D 352 -19.52 -30.71 -11.47
N VAL D 353 -19.95 -30.60 -12.73
CA VAL D 353 -19.08 -29.95 -13.72
C VAL D 353 -18.96 -28.44 -13.48
N ASN D 354 -19.95 -27.80 -12.85
CA ASN D 354 -19.94 -26.34 -12.78
C ASN D 354 -18.76 -25.77 -11.98
N PRO D 355 -18.44 -26.26 -10.78
CA PRO D 355 -17.26 -25.74 -10.07
C PRO D 355 -15.97 -25.67 -10.87
N LEU D 356 -15.67 -26.68 -11.68
CA LEU D 356 -14.40 -26.69 -12.40
C LEU D 356 -14.41 -25.78 -13.62
N LEU D 357 -15.60 -25.50 -14.16
CA LEU D 357 -15.69 -24.70 -15.37
C LEU D 357 -15.72 -23.21 -15.06
N TYR D 358 -16.66 -22.76 -14.23
CA TYR D 358 -16.80 -21.32 -14.04
C TYR D 358 -15.81 -20.77 -13.01
N PRO D 359 -15.76 -21.26 -11.74
CA PRO D 359 -14.84 -20.66 -10.76
C PRO D 359 -13.36 -20.93 -11.03
N LEU D 360 -13.01 -22.20 -11.24
CA LEU D 360 -11.59 -22.57 -11.40
C LEU D 360 -10.96 -22.02 -12.66
N CYS D 361 -11.76 -21.49 -13.59
CA CYS D 361 -11.23 -20.83 -14.78
C CYS D 361 -11.23 -19.31 -14.63
N HIS D 362 -11.26 -18.81 -13.41
CA HIS D 362 -11.17 -17.39 -13.13
C HIS D 362 -9.87 -17.13 -12.36
N LYS D 363 -9.20 -16.02 -12.68
CA LYS D 363 -7.84 -15.80 -12.20
C LYS D 363 -7.78 -15.70 -10.67
N ARG D 364 -8.71 -14.95 -10.07
CA ARG D 364 -8.68 -14.74 -8.63
C ARG D 364 -8.86 -16.05 -7.86
N PHE D 365 -9.84 -16.86 -8.29
CA PHE D 365 -10.12 -18.10 -7.56
C PHE D 365 -8.99 -19.10 -7.72
N GLN D 366 -8.41 -19.21 -8.91
CA GLN D 366 -7.29 -20.14 -9.08
C GLN D 366 -6.05 -19.66 -8.34
N LYS D 367 -5.84 -18.34 -8.24
CA LYS D 367 -4.75 -17.83 -7.41
C LYS D 367 -4.96 -18.18 -5.94
N ALA D 368 -6.21 -18.03 -5.46
CA ALA D 368 -6.51 -18.41 -4.08
C ALA D 368 -6.27 -19.90 -3.85
N PHE D 369 -6.69 -20.74 -4.81
CA PHE D 369 -6.48 -22.17 -4.69
C PHE D 369 -4.99 -22.52 -4.67
N LEU D 370 -4.20 -21.84 -5.51
CA LEU D 370 -2.76 -22.08 -5.51
C LEU D 370 -2.14 -21.68 -4.19
N LYS D 371 -2.55 -20.53 -3.63
CA LYS D 371 -1.96 -20.07 -2.38
C LYS D 371 -2.34 -20.96 -1.21
N ILE D 372 -3.62 -21.31 -1.10
CA ILE D 372 -4.09 -22.10 0.04
C ILE D 372 -3.48 -23.49 0.02
N PHE D 373 -3.49 -24.14 -1.14
CA PHE D 373 -2.97 -25.49 -1.27
C PHE D 373 -1.45 -25.49 -1.25
N ALA E 7 35.48 22.22 -13.86
CA ALA E 7 35.20 22.32 -12.44
C ALA E 7 35.61 21.06 -11.70
N SER E 8 36.40 20.21 -12.38
CA SER E 8 36.86 18.97 -11.76
C SER E 8 37.96 19.21 -10.73
N ILE E 9 38.67 20.34 -10.82
CA ILE E 9 39.74 20.62 -9.87
C ILE E 9 39.18 20.78 -8.46
N ALA E 10 38.07 21.50 -8.32
CA ALA E 10 37.48 21.71 -7.00
C ALA E 10 37.02 20.39 -6.40
N GLN E 11 36.36 19.55 -7.20
CA GLN E 11 35.90 18.26 -6.69
C GLN E 11 37.07 17.37 -6.31
N ALA E 12 38.13 17.37 -7.12
CA ALA E 12 39.31 16.58 -6.78
C ALA E 12 39.95 17.06 -5.49
N ARG E 13 40.05 18.38 -5.31
CA ARG E 13 40.61 18.92 -4.07
C ARG E 13 39.76 18.53 -2.87
N LYS E 14 38.43 18.63 -3.01
CA LYS E 14 37.55 18.26 -1.90
C LYS E 14 37.67 16.78 -1.56
N LEU E 15 37.73 15.91 -2.58
CA LEU E 15 37.88 14.49 -2.32
C LEU E 15 39.21 14.18 -1.64
N VAL E 16 40.29 14.83 -2.10
CA VAL E 16 41.60 14.60 -1.50
C VAL E 16 41.61 15.05 -0.04
N GLU E 17 41.02 16.22 0.24
CA GLU E 17 40.97 16.71 1.61
C GLU E 17 40.16 15.78 2.50
N GLN E 18 39.02 15.29 1.99
CA GLN E 18 38.22 14.36 2.77
C GLN E 18 38.98 13.06 3.02
N LEU E 19 39.78 12.62 2.04
CA LEU E 19 40.59 11.42 2.24
C LEU E 19 41.64 11.63 3.32
N LYS E 20 42.30 12.80 3.34
CA LYS E 20 43.23 13.08 4.44
C LYS E 20 42.49 13.10 5.77
N MET E 21 41.29 13.67 5.81
CA MET E 21 40.52 13.70 7.06
C MET E 21 40.19 12.28 7.53
N GLU E 22 39.84 11.39 6.60
CA GLU E 22 39.46 10.03 6.97
C GLU E 22 40.66 9.12 7.23
N ALA E 23 41.86 9.52 6.80
CA ALA E 23 43.04 8.66 6.98
C ALA E 23 43.71 8.84 8.32
N ASN E 24 43.27 9.78 9.16
CA ASN E 24 43.88 10.03 10.45
C ASN E 24 43.09 9.44 11.61
N ILE E 25 42.15 8.54 11.32
CA ILE E 25 41.29 7.98 12.36
C ILE E 25 41.97 6.79 13.02
N ASP E 26 41.90 6.72 14.34
CA ASP E 26 42.41 5.59 15.08
C ASP E 26 41.42 4.42 14.99
N ARG E 27 41.94 3.22 14.78
CA ARG E 27 41.12 2.04 14.56
C ARG E 27 41.53 0.94 15.53
N ILE E 28 40.54 0.31 16.17
CA ILE E 28 40.78 -0.83 17.04
C ILE E 28 40.78 -2.10 16.20
N LYS E 29 41.28 -3.18 16.79
CA LYS E 29 41.34 -4.46 16.09
C LYS E 29 39.95 -5.07 15.96
N VAL E 30 39.78 -5.87 14.91
CA VAL E 30 38.50 -6.53 14.67
C VAL E 30 38.20 -7.53 15.77
N SER E 31 39.22 -8.09 16.41
CA SER E 31 38.98 -9.00 17.53
C SER E 31 38.25 -8.29 18.66
N LYS E 32 38.72 -7.10 19.05
CA LYS E 32 38.10 -6.36 20.14
C LYS E 32 36.68 -5.92 19.76
N ALA E 33 36.48 -5.43 18.55
CA ALA E 33 35.15 -5.00 18.13
C ALA E 33 34.17 -6.16 18.09
N ALA E 34 34.60 -7.30 17.55
CA ALA E 34 33.75 -8.49 17.53
C ALA E 34 33.41 -8.95 18.94
N ALA E 35 34.40 -8.95 19.84
CA ALA E 35 34.16 -9.34 21.22
C ALA E 35 33.21 -8.37 21.91
N ASP E 36 33.26 -7.09 21.55
CA ASP E 36 32.35 -6.10 22.13
C ASP E 36 30.92 -6.30 21.63
N LEU E 37 30.75 -6.56 20.34
CA LEU E 37 29.41 -6.82 19.82
C LEU E 37 28.81 -8.07 20.43
N MET E 38 29.64 -9.11 20.64
CA MET E 38 29.13 -10.28 21.35
C MET E 38 28.75 -9.92 22.79
N ALA E 39 29.67 -9.27 23.51
CA ALA E 39 29.42 -8.91 24.90
C ALA E 39 28.14 -8.09 25.04
N TYR E 40 27.69 -7.46 23.96
CA TYR E 40 26.36 -6.87 24.01
C TYR E 40 25.26 -7.87 23.66
N CYS E 41 25.48 -8.73 22.65
CA CYS E 41 24.41 -9.61 22.20
C CYS E 41 24.02 -10.66 23.25
N GLU E 42 25.00 -11.26 23.95
CA GLU E 42 24.69 -12.19 25.04
C GLU E 42 24.81 -11.55 26.42
N ALA E 43 24.37 -10.30 26.54
CA ALA E 43 24.10 -9.69 27.83
C ALA E 43 22.70 -9.12 27.93
N HIS E 44 22.05 -8.84 26.80
CA HIS E 44 20.65 -8.42 26.76
C HIS E 44 19.78 -9.50 26.11
N ALA E 45 20.22 -10.76 26.16
CA ALA E 45 19.50 -11.83 25.49
C ALA E 45 18.13 -12.07 26.11
N LYS E 46 18.05 -12.03 27.44
CA LYS E 46 16.78 -12.30 28.13
C LYS E 46 15.78 -11.18 27.97
N GLU E 47 16.20 -10.00 27.50
CA GLU E 47 15.30 -8.87 27.29
C GLU E 47 14.88 -8.72 25.84
N ASP E 48 14.91 -9.81 25.07
CA ASP E 48 14.51 -9.80 23.67
C ASP E 48 13.29 -10.68 23.49
N PRO E 49 12.08 -10.10 23.41
CA PRO E 49 10.88 -10.93 23.19
C PRO E 49 10.88 -11.67 21.87
N LEU E 50 11.68 -11.23 20.90
CA LEU E 50 11.80 -11.91 19.61
C LEU E 50 12.84 -13.03 19.64
N LEU E 51 13.33 -13.39 20.83
CA LEU E 51 14.39 -14.38 20.96
C LEU E 51 14.24 -14.97 22.36
N THR E 52 13.84 -16.25 22.43
CA THR E 52 13.34 -16.85 23.66
C THR E 52 12.12 -16.04 24.10
N PRO E 53 10.99 -16.17 23.40
CA PRO E 53 9.86 -15.24 23.62
C PRO E 53 9.21 -15.35 24.99
N VAL E 54 8.23 -14.49 25.23
CA VAL E 54 7.53 -14.40 26.50
C VAL E 54 6.29 -15.30 26.45
N PRO E 55 5.76 -15.74 27.59
CA PRO E 55 4.55 -16.56 27.57
C PRO E 55 3.36 -15.79 27.03
N ALA E 56 2.34 -16.54 26.61
CA ALA E 56 1.17 -15.96 25.97
C ALA E 56 0.40 -15.03 26.91
N SER E 57 0.57 -15.17 28.22
CA SER E 57 -0.07 -14.27 29.16
C SER E 57 0.63 -12.93 29.27
N GLU E 58 1.81 -12.78 28.66
CA GLU E 58 2.53 -11.51 28.66
C GLU E 58 2.58 -10.86 27.28
N ASN E 59 1.92 -11.43 26.28
CA ASN E 59 1.94 -10.86 24.94
C ASN E 59 0.89 -9.77 24.81
N PRO E 60 1.27 -8.51 24.56
CA PRO E 60 0.27 -7.50 24.21
C PRO E 60 -0.50 -7.85 22.95
N PHE E 61 0.16 -8.45 21.97
CA PHE E 61 -0.46 -8.87 20.72
C PHE E 61 -0.72 -10.36 20.78
N ARG E 62 -1.93 -10.77 20.41
CA ARG E 62 -2.33 -12.16 20.54
C ARG E 62 -3.52 -12.48 19.64
N GLN F 2 35.35 0.66 -3.71
CA GLN F 2 35.66 -0.72 -4.09
C GLN F 2 35.41 -0.96 -5.57
N VAL F 3 34.21 -0.60 -6.04
CA VAL F 3 33.85 -0.83 -7.44
C VAL F 3 34.75 0.04 -8.31
N GLN F 4 35.44 -0.59 -9.25
CA GLN F 4 36.40 0.11 -10.11
C GLN F 4 36.31 -0.45 -11.51
N LEU F 5 36.27 0.45 -12.50
CA LEU F 5 36.29 0.08 -13.93
C LEU F 5 37.36 0.95 -14.57
N GLN F 6 38.52 0.36 -14.86
CA GLN F 6 39.69 1.10 -15.32
C GLN F 6 39.92 0.80 -16.80
N GLU F 7 39.77 1.81 -17.65
CA GLU F 7 39.97 1.62 -19.08
C GLU F 7 41.40 1.95 -19.50
N SER F 8 41.88 1.23 -20.50
CA SER F 8 43.22 1.38 -21.03
C SER F 8 43.16 1.24 -22.54
N GLY F 9 44.19 1.74 -23.20
CA GLY F 9 44.24 1.75 -24.65
C GLY F 9 43.52 2.95 -25.24
N GLY F 10 43.98 3.42 -26.39
CA GLY F 10 43.36 4.57 -27.03
C GLY F 10 44.28 5.77 -27.12
N GLY F 11 44.50 6.24 -28.33
CA GLY F 11 45.38 7.38 -28.53
C GLY F 11 45.27 7.90 -29.94
N LEU F 12 46.28 8.69 -30.32
CA LEU F 12 46.31 9.26 -31.67
C LEU F 12 46.42 8.13 -32.70
N VAL F 13 45.59 8.22 -33.74
CA VAL F 13 45.61 7.24 -34.82
C VAL F 13 45.09 7.92 -36.09
N GLN F 14 45.62 7.49 -37.23
CA GLN F 14 45.20 8.02 -38.51
C GLN F 14 43.83 7.49 -38.90
N PRO F 15 43.10 8.20 -39.76
CA PRO F 15 41.81 7.69 -40.24
C PRO F 15 42.00 6.36 -40.95
N GLY F 16 41.04 5.45 -40.74
CA GLY F 16 41.14 4.11 -41.26
C GLY F 16 41.97 3.16 -40.42
N GLY F 17 42.47 3.61 -39.28
CA GLY F 17 43.29 2.77 -38.41
C GLY F 17 42.44 1.85 -37.55
N SER F 18 43.10 1.26 -36.56
CA SER F 18 42.46 0.31 -35.65
C SER F 18 42.93 0.56 -34.23
N LEU F 19 42.08 0.22 -33.27
CA LEU F 19 42.41 0.37 -31.86
C LEU F 19 41.70 -0.71 -31.06
N ARG F 20 42.23 -0.98 -29.87
CA ARG F 20 41.65 -1.93 -28.94
C ARG F 20 41.57 -1.28 -27.56
N LEU F 21 40.35 -0.97 -27.13
CA LEU F 21 40.11 -0.44 -25.79
C LEU F 21 39.84 -1.60 -24.85
N SER F 22 40.46 -1.57 -23.68
CA SER F 22 40.25 -2.59 -22.66
C SER F 22 39.70 -1.94 -21.40
N CYS F 23 38.96 -2.71 -20.61
CA CYS F 23 38.35 -2.22 -19.38
C CYS F 23 38.47 -3.31 -18.34
N ALA F 24 39.35 -3.11 -17.36
CA ALA F 24 39.53 -4.05 -16.26
C ALA F 24 38.57 -3.69 -15.13
N ALA F 25 37.82 -4.67 -14.66
CA ALA F 25 36.78 -4.47 -13.66
C ALA F 25 37.18 -5.12 -12.35
N SER F 26 36.87 -4.46 -11.24
CA SER F 26 37.16 -4.97 -9.91
C SER F 26 36.11 -4.46 -8.94
N GLY F 27 36.01 -5.13 -7.80
CA GLY F 27 35.08 -4.74 -6.76
C GLY F 27 33.71 -5.38 -6.84
N PHE F 28 33.41 -6.11 -7.91
CA PHE F 28 32.13 -6.79 -8.05
C PHE F 28 32.34 -8.10 -8.79
N THR F 29 31.24 -8.82 -9.01
CA THR F 29 31.27 -10.06 -9.78
C THR F 29 30.98 -9.74 -11.23
N PHE F 30 31.97 -9.97 -12.10
CA PHE F 30 31.89 -9.54 -13.49
C PHE F 30 30.81 -10.27 -14.28
N SER F 31 30.43 -11.47 -13.86
CA SER F 31 29.58 -12.33 -14.67
C SER F 31 28.09 -12.09 -14.49
N ASN F 32 27.68 -11.27 -13.52
CA ASN F 32 26.26 -11.06 -13.25
C ASN F 32 25.73 -9.74 -13.79
N TYR F 33 26.55 -8.96 -14.50
CA TYR F 33 26.15 -7.64 -14.95
C TYR F 33 26.34 -7.51 -16.46
N LYS F 34 25.30 -6.99 -17.12
CA LYS F 34 25.45 -6.58 -18.51
C LYS F 34 26.26 -5.30 -18.60
N MET F 35 27.15 -5.21 -19.58
CA MET F 35 28.13 -4.13 -19.59
C MET F 35 28.11 -3.38 -20.92
N ASN F 36 28.39 -2.08 -20.85
CA ASN F 36 28.24 -1.17 -21.97
C ASN F 36 29.53 -0.39 -22.20
N TRP F 37 29.69 0.07 -23.45
CA TRP F 37 30.67 1.08 -23.81
C TRP F 37 29.91 2.31 -24.24
N VAL F 38 30.21 3.45 -23.61
CA VAL F 38 29.59 4.73 -23.94
C VAL F 38 30.68 5.71 -24.34
N ARG F 39 30.26 6.85 -24.91
CA ARG F 39 31.19 7.77 -25.52
C ARG F 39 30.73 9.21 -25.31
N GLN F 40 31.68 10.12 -25.09
CA GLN F 40 31.42 11.54 -25.03
C GLN F 40 32.28 12.24 -26.08
N ALA F 41 31.63 12.79 -27.09
CA ALA F 41 32.32 13.52 -28.15
C ALA F 41 32.76 14.89 -27.65
N PRO F 42 33.73 15.52 -28.31
CA PRO F 42 34.15 16.87 -27.91
C PRO F 42 32.99 17.85 -28.01
N GLY F 43 32.61 18.42 -26.87
CA GLY F 43 31.49 19.34 -26.81
C GLY F 43 30.15 18.71 -27.14
N LYS F 44 29.90 17.50 -26.64
CA LYS F 44 28.65 16.81 -26.89
C LYS F 44 28.30 15.96 -25.67
N GLY F 45 27.03 15.57 -25.60
CA GLY F 45 26.57 14.76 -24.49
C GLY F 45 27.03 13.32 -24.59
N LEU F 46 26.84 12.59 -23.49
CA LEU F 46 27.21 11.19 -23.46
C LEU F 46 26.36 10.38 -24.42
N GLU F 47 27.01 9.49 -25.16
CA GLU F 47 26.34 8.67 -26.17
C GLU F 47 26.69 7.21 -25.93
N TRP F 48 25.67 6.35 -26.05
CA TRP F 48 25.83 4.92 -25.84
C TRP F 48 26.29 4.26 -27.13
N VAL F 49 27.38 3.48 -27.05
CA VAL F 49 28.00 2.93 -28.24
C VAL F 49 27.67 1.45 -28.39
N SER F 50 28.05 0.63 -27.41
CA SER F 50 27.89 -0.81 -27.55
C SER F 50 27.43 -1.43 -26.24
N ASP F 51 26.90 -2.65 -26.34
CA ASP F 51 26.37 -3.35 -25.17
C ASP F 51 26.57 -4.85 -25.36
N ILE F 52 26.92 -5.54 -24.26
CA ILE F 52 27.07 -6.98 -24.27
C ILE F 52 26.49 -7.54 -22.97
N SER F 53 25.76 -8.65 -23.09
CA SER F 53 25.06 -9.25 -21.97
C SER F 53 26.03 -9.98 -21.04
N GLN F 54 25.48 -10.68 -20.04
CA GLN F 54 26.32 -11.37 -19.08
C GLN F 54 27.13 -12.49 -19.72
N SER F 55 26.45 -13.38 -20.46
CA SER F 55 27.15 -14.47 -21.12
C SER F 55 27.82 -14.02 -22.42
N GLY F 56 27.24 -13.02 -23.09
CA GLY F 56 27.75 -12.56 -24.37
C GLY F 56 26.93 -13.01 -25.56
N ALA F 57 25.80 -13.70 -25.34
CA ALA F 57 24.97 -14.11 -26.46
C ALA F 57 24.33 -12.91 -27.16
N SER F 58 23.88 -11.92 -26.39
CA SER F 58 23.24 -10.74 -26.94
C SER F 58 24.24 -9.61 -27.02
N ILE F 59 24.48 -9.10 -28.23
CA ILE F 59 25.42 -8.03 -28.47
C ILE F 59 24.73 -6.97 -29.32
N SER F 60 24.82 -5.72 -28.91
CA SER F 60 24.13 -4.62 -29.58
C SER F 60 25.07 -3.46 -29.83
N TYR F 61 24.83 -2.75 -30.93
CA TYR F 61 25.60 -1.58 -31.31
C TYR F 61 24.66 -0.40 -31.55
N THR F 62 25.23 0.76 -31.83
CA THR F 62 24.47 1.99 -32.02
C THR F 62 24.11 2.26 -33.48
N GLY F 63 24.44 1.36 -34.38
CA GLY F 63 24.13 1.58 -35.80
C GLY F 63 25.08 2.45 -36.56
N SER F 64 25.40 3.63 -36.03
CA SER F 64 26.35 4.52 -36.68
C SER F 64 27.75 3.93 -36.71
N VAL F 65 28.05 2.96 -35.85
CA VAL F 65 29.33 2.27 -35.82
C VAL F 65 29.18 0.77 -36.06
N LYS F 66 27.98 0.32 -36.41
CA LYS F 66 27.75 -1.10 -36.65
C LYS F 66 28.57 -1.59 -37.84
N GLY F 67 29.21 -2.75 -37.66
CA GLY F 67 30.05 -3.33 -38.68
C GLY F 67 31.51 -2.97 -38.57
N ARG F 68 31.85 -1.90 -37.84
CA ARG F 68 33.23 -1.49 -37.64
C ARG F 68 33.71 -1.68 -36.20
N PHE F 69 32.79 -1.79 -35.24
CA PHE F 69 33.14 -1.98 -33.83
C PHE F 69 32.68 -3.37 -33.40
N THR F 70 33.45 -3.96 -32.49
CA THR F 70 33.11 -5.27 -31.93
C THR F 70 33.37 -5.27 -30.44
N ILE F 71 32.37 -5.61 -29.64
CA ILE F 71 32.49 -5.62 -28.19
C ILE F 71 32.64 -7.07 -27.72
N SER F 72 33.58 -7.29 -26.82
CA SER F 72 33.94 -8.63 -26.34
C SER F 72 34.00 -8.62 -24.82
N ARG F 73 33.86 -9.82 -24.25
CA ARG F 73 33.70 -9.97 -22.81
C ARG F 73 34.51 -11.17 -22.35
N ASP F 74 35.45 -10.95 -21.42
CA ASP F 74 36.22 -12.04 -20.81
C ASP F 74 35.83 -12.10 -19.34
N ASN F 75 35.02 -13.11 -18.99
CA ASN F 75 34.51 -13.26 -17.63
C ASN F 75 35.53 -13.86 -16.68
N ALA F 76 36.54 -14.56 -17.19
CA ALA F 76 37.57 -15.13 -16.33
C ALA F 76 38.67 -14.12 -16.02
N LYS F 77 39.07 -13.32 -17.00
CA LYS F 77 40.02 -12.24 -16.79
C LYS F 77 39.36 -10.96 -16.33
N ASN F 78 38.02 -10.94 -16.26
CA ASN F 78 37.26 -9.77 -15.80
C ASN F 78 37.59 -8.53 -16.64
N THR F 79 37.51 -8.68 -17.96
CA THR F 79 37.84 -7.59 -18.88
C THR F 79 36.73 -7.41 -19.90
N LEU F 80 36.60 -6.17 -20.36
CA LEU F 80 35.66 -5.80 -21.42
C LEU F 80 36.45 -5.15 -22.54
N TYR F 81 36.32 -5.68 -23.75
CA TYR F 81 37.11 -5.23 -24.89
C TYR F 81 36.23 -4.56 -25.93
N LEU F 82 36.80 -3.57 -26.61
CA LEU F 82 36.19 -2.94 -27.77
C LEU F 82 37.24 -2.87 -28.87
N GLN F 83 36.97 -3.54 -29.99
CA GLN F 83 37.82 -3.47 -31.17
C GLN F 83 37.20 -2.46 -32.13
N MET F 84 37.95 -1.41 -32.43
CA MET F 84 37.51 -0.32 -33.29
C MET F 84 38.29 -0.40 -34.60
N ASN F 85 37.59 -0.58 -35.71
CA ASN F 85 38.20 -0.71 -37.03
C ASN F 85 37.68 0.38 -37.96
N SER F 86 38.54 0.83 -38.86
CA SER F 86 38.19 1.82 -39.87
C SER F 86 37.62 3.09 -39.22
N LEU F 87 38.45 3.73 -38.41
CA LEU F 87 38.01 4.90 -37.66
C LEU F 87 37.80 6.09 -38.58
N LYS F 88 37.00 7.03 -38.11
CA LYS F 88 36.60 8.23 -38.84
C LYS F 88 36.92 9.46 -38.00
N PRO F 89 37.03 10.62 -38.63
CA PRO F 89 37.32 11.84 -37.86
C PRO F 89 36.26 12.19 -36.84
N GLU F 90 35.04 11.65 -36.96
CA GLU F 90 33.99 11.86 -35.98
C GLU F 90 33.96 10.78 -34.91
N ASP F 91 34.93 9.86 -34.90
CA ASP F 91 35.04 8.85 -33.87
C ASP F 91 35.95 9.26 -32.73
N THR F 92 36.53 10.46 -32.78
CA THR F 92 37.38 10.94 -31.70
C THR F 92 36.52 11.39 -30.53
N ALA F 93 36.80 10.84 -29.34
CA ALA F 93 35.97 11.09 -28.17
C ALA F 93 36.59 10.46 -26.92
N VAL F 94 35.97 10.68 -25.77
CA VAL F 94 36.36 10.02 -24.52
C VAL F 94 35.44 8.82 -24.33
N TYR F 95 36.02 7.62 -24.26
CA TYR F 95 35.26 6.39 -24.16
C TYR F 95 35.23 5.91 -22.71
N TYR F 96 34.05 5.51 -22.26
CA TYR F 96 33.80 5.07 -20.89
C TYR F 96 33.26 3.64 -20.90
N CYS F 97 33.65 2.87 -19.89
CA CYS F 97 33.21 1.50 -19.69
C CYS F 97 32.23 1.50 -18.54
N ALA F 98 30.96 1.18 -18.83
CA ALA F 98 29.88 1.37 -17.87
C ALA F 98 29.26 0.04 -17.48
N ARG F 99 28.82 -0.03 -16.22
CA ARG F 99 28.18 -1.21 -15.67
C ARG F 99 26.73 -0.89 -15.31
N CYS F 100 25.84 -1.84 -15.56
CA CYS F 100 24.44 -1.66 -15.20
C CYS F 100 24.28 -1.76 -13.69
N PRO F 101 23.36 -0.99 -13.09
CA PRO F 101 23.34 -0.86 -11.62
C PRO F 101 23.01 -2.15 -10.87
N ALA F 102 22.30 -3.09 -11.47
CA ALA F 102 21.83 -4.25 -10.74
C ALA F 102 22.15 -5.54 -11.50
N PRO F 103 22.30 -6.66 -10.77
CA PRO F 103 22.55 -7.93 -11.45
C PRO F 103 21.27 -8.61 -11.89
N PHE F 104 21.43 -9.54 -12.83
CA PHE F 104 20.33 -10.40 -13.29
C PHE F 104 19.16 -9.59 -13.85
N THR F 105 19.46 -8.50 -14.55
CA THR F 105 18.43 -7.65 -15.12
C THR F 105 18.74 -7.36 -16.59
N ARG F 106 17.67 -7.19 -17.37
CA ARG F 106 17.78 -6.81 -18.77
C ARG F 106 17.87 -5.30 -18.92
N ASP F 107 17.00 -4.55 -18.24
CA ASP F 107 17.01 -3.11 -18.33
C ASP F 107 18.28 -2.54 -17.71
N CYS F 108 18.72 -1.39 -18.24
CA CYS F 108 19.91 -0.70 -17.74
C CYS F 108 19.61 0.80 -17.72
N PHE F 109 19.17 1.27 -16.55
CA PHE F 109 18.85 2.68 -16.38
C PHE F 109 20.11 3.49 -16.07
N ASP F 110 20.08 4.75 -16.46
CA ASP F 110 21.03 5.77 -16.01
C ASP F 110 22.46 5.49 -16.41
N VAL F 111 22.68 4.64 -17.42
CA VAL F 111 24.04 4.28 -17.79
C VAL F 111 24.78 5.48 -18.38
N THR F 112 24.12 6.24 -19.25
CA THR F 112 24.74 7.36 -19.94
C THR F 112 24.53 8.70 -19.23
N SER F 113 24.06 8.67 -17.99
CA SER F 113 23.85 9.91 -17.26
C SER F 113 25.19 10.53 -16.85
N THR F 114 25.16 11.82 -16.57
CA THR F 114 26.30 12.47 -15.96
C THR F 114 26.43 12.02 -14.51
N THR F 115 27.65 12.15 -13.98
CA THR F 115 28.02 11.74 -12.61
C THR F 115 27.37 10.40 -12.23
N TYR F 116 27.46 9.44 -13.15
CA TYR F 116 26.98 8.09 -12.88
C TYR F 116 28.01 7.35 -12.03
N ALA F 117 27.50 6.56 -11.08
CA ALA F 117 28.36 5.98 -10.05
C ALA F 117 29.30 4.92 -10.64
N TYR F 118 28.76 4.01 -11.44
CA TYR F 118 29.52 2.85 -11.92
C TYR F 118 29.95 3.11 -13.36
N ARG F 119 31.07 3.81 -13.50
CA ARG F 119 31.62 4.12 -14.82
C ARG F 119 33.08 4.49 -14.66
N GLY F 120 33.87 4.21 -15.69
CA GLY F 120 35.28 4.51 -15.67
C GLY F 120 35.59 5.97 -15.94
N GLN F 121 36.86 6.33 -15.76
CA GLN F 121 37.31 7.69 -16.02
C GLN F 121 37.45 8.00 -17.50
N GLY F 122 37.64 6.99 -18.33
CA GLY F 122 37.59 7.16 -19.77
C GLY F 122 38.96 7.22 -20.41
N THR F 123 39.02 6.83 -21.68
CA THR F 123 40.23 6.92 -22.49
C THR F 123 39.95 7.83 -23.67
N GLN F 124 40.87 8.76 -23.93
CA GLN F 124 40.71 9.68 -25.06
C GLN F 124 41.20 9.03 -26.34
N VAL F 125 40.39 9.13 -27.39
CA VAL F 125 40.75 8.64 -28.73
C VAL F 125 40.67 9.81 -29.68
N THR F 126 41.76 10.03 -30.42
CA THR F 126 41.86 11.15 -31.36
C THR F 126 42.17 10.59 -32.74
N VAL F 127 41.20 10.67 -33.64
CA VAL F 127 41.38 10.23 -35.02
C VAL F 127 41.71 11.48 -35.83
N SER F 128 43.00 11.80 -35.90
CA SER F 128 43.46 12.99 -36.61
C SER F 128 44.68 12.63 -37.44
N SER F 129 44.76 13.21 -38.63
CA SER F 129 45.89 12.97 -39.52
C SER F 129 47.10 13.79 -39.11
#